data_2K2D
#
_entry.id   2K2D
#
loop_
_entity.id
_entity.type
_entity.pdbx_description
1 polymer 'RING finger and CHY zinc finger domain-containing protein 1'
2 non-polymer 'ZINC ION'
#
_entity_poly.entity_id   1
_entity_poly.type   'polypeptide(L)'
_entity_poly.pdbx_seq_one_letter_code
;GSHMMHSALDMTRYWRQLDDEVAQTPMPSEYQNMTVDILCNDCNGRSTVQFHILGMKCKICESYNTAQAGGRRISLDQQ
;
_entity_poly.pdbx_strand_id   A
#
loop_
_chem_comp.id
_chem_comp.type
_chem_comp.name
_chem_comp.formula
ZN non-polymer 'ZINC ION' 'Zn 2'
#
# COMPACT_ATOMS: atom_id res chain seq x y z
N ASN A 33 -1.58 6.03 -14.26
CA ASN A 33 -1.15 7.42 -14.09
C ASN A 33 -1.21 7.79 -12.61
N MET A 34 -2.30 7.38 -11.95
CA MET A 34 -2.39 7.50 -10.51
C MET A 34 -1.82 6.25 -9.85
N THR A 35 -0.54 6.31 -9.50
CA THR A 35 0.10 5.22 -8.79
C THR A 35 0.21 5.54 -7.30
N VAL A 36 -0.29 4.63 -6.49
CA VAL A 36 -0.14 4.70 -5.06
C VAL A 36 0.71 3.52 -4.58
N ASP A 37 1.54 3.76 -3.58
CA ASP A 37 2.34 2.71 -3.02
C ASP A 37 1.60 2.13 -1.81
N ILE A 38 1.34 0.82 -1.85
CA ILE A 38 0.59 0.13 -0.79
C ILE A 38 1.48 -0.90 -0.09
N LEU A 39 1.25 -1.08 1.20
CA LEU A 39 1.99 -2.05 2.00
C LEU A 39 1.08 -3.21 2.37
N CYS A 40 1.63 -4.39 2.53
CA CYS A 40 0.82 -5.56 2.79
C CYS A 40 0.71 -5.81 4.27
N ASN A 41 -0.43 -6.36 4.68
CA ASN A 41 -0.66 -6.68 6.07
C ASN A 41 -0.20 -8.10 6.39
N ASP A 42 -0.24 -9.01 5.41
CA ASP A 42 0.12 -10.41 5.67
C ASP A 42 1.56 -10.75 5.26
N CYS A 43 2.04 -10.26 4.10
CA CYS A 43 3.40 -10.59 3.67
C CYS A 43 4.37 -9.43 3.90
N ASN A 44 3.82 -8.30 4.37
CA ASN A 44 4.58 -7.09 4.77
C ASN A 44 5.50 -6.51 3.69
N GLY A 45 5.09 -6.66 2.43
CA GLY A 45 5.85 -6.11 1.33
C GLY A 45 5.05 -5.08 0.58
N ARG A 46 5.73 -4.09 0.03
CA ARG A 46 5.04 -3.00 -0.63
C ARG A 46 5.10 -3.11 -2.14
N SER A 47 3.99 -2.70 -2.76
CA SER A 47 3.83 -2.75 -4.19
C SER A 47 3.35 -1.39 -4.68
N THR A 48 4.07 -0.79 -5.63
CA THR A 48 3.58 0.42 -6.25
C THR A 48 2.71 0.04 -7.44
N VAL A 49 1.42 0.22 -7.24
CA VAL A 49 0.39 -0.15 -8.21
C VAL A 49 -0.48 1.07 -8.48
N GLN A 50 -1.42 0.98 -9.39
CA GLN A 50 -2.40 2.05 -9.55
C GLN A 50 -3.40 2.01 -8.41
N PHE A 51 -4.04 3.14 -8.16
CA PHE A 51 -5.11 3.18 -7.19
C PHE A 51 -6.36 2.59 -7.81
N HIS A 52 -6.73 1.43 -7.32
CA HIS A 52 -7.87 0.69 -7.83
C HIS A 52 -8.84 0.47 -6.68
N ILE A 53 -9.99 1.12 -6.77
CA ILE A 53 -11.01 1.10 -5.71
C ILE A 53 -11.66 -0.29 -5.60
N LEU A 54 -11.73 -1.01 -6.73
CA LEU A 54 -12.30 -2.37 -6.76
C LEU A 54 -11.31 -3.45 -6.30
N GLY A 55 -10.09 -3.04 -5.94
CA GLY A 55 -9.12 -3.98 -5.40
C GLY A 55 -7.73 -3.81 -5.99
N MET A 56 -6.77 -3.51 -5.13
CA MET A 56 -5.37 -3.43 -5.51
C MET A 56 -4.67 -4.74 -5.14
N LYS A 57 -4.32 -5.52 -6.15
CA LYS A 57 -3.74 -6.84 -5.94
C LYS A 57 -2.26 -6.75 -5.58
N CYS A 58 -1.93 -7.33 -4.44
CA CYS A 58 -0.55 -7.58 -4.06
C CYS A 58 0.01 -8.72 -4.90
N LYS A 59 1.05 -8.41 -5.67
CA LYS A 59 1.65 -9.34 -6.63
C LYS A 59 2.56 -10.37 -5.92
N ILE A 60 2.73 -10.21 -4.62
CA ILE A 60 3.63 -11.02 -3.82
C ILE A 60 2.90 -12.24 -3.24
N CYS A 61 1.60 -12.09 -2.89
CA CYS A 61 0.88 -13.15 -2.18
C CYS A 61 -0.59 -13.30 -2.63
N GLU A 62 -1.02 -12.53 -3.65
CA GLU A 62 -2.40 -12.60 -4.22
C GLU A 62 -3.49 -12.09 -3.25
N SER A 63 -3.10 -11.28 -2.28
CA SER A 63 -4.04 -10.80 -1.29
C SER A 63 -4.37 -9.33 -1.49
N TYR A 64 -5.61 -8.99 -1.19
CA TYR A 64 -6.09 -7.61 -1.26
C TYR A 64 -6.06 -6.94 0.12
N ASN A 65 -5.57 -7.69 1.13
CA ASN A 65 -5.43 -7.18 2.49
C ASN A 65 -4.17 -6.33 2.59
N THR A 66 -4.35 -5.04 2.28
CA THR A 66 -3.26 -4.09 2.17
C THR A 66 -3.65 -2.74 2.76
N ALA A 67 -2.64 -2.04 3.23
CA ALA A 67 -2.76 -0.67 3.71
C ALA A 67 -2.00 0.23 2.74
N GLN A 68 -1.98 1.53 2.98
CA GLN A 68 -1.18 2.41 2.11
C GLN A 68 0.19 2.67 2.74
N ALA A 69 1.24 2.47 1.94
CA ALA A 69 2.61 2.69 2.37
C ALA A 69 3.07 4.13 2.11
N GLY A 70 2.20 4.93 1.48
CA GLY A 70 2.46 6.34 1.32
C GLY A 70 1.96 7.17 2.50
N GLY A 71 2.17 6.65 3.71
CA GLY A 71 1.79 7.31 4.94
C GLY A 71 2.71 8.46 5.25
N ARG A 72 2.12 9.65 5.35
CA ARG A 72 2.87 10.90 5.47
C ARG A 72 3.40 11.08 6.89
N ARG A 73 4.65 11.49 6.99
CA ARG A 73 5.27 11.72 8.30
C ARG A 73 4.93 13.11 8.81
N ILE A 74 4.33 13.15 9.99
CA ILE A 74 4.05 14.39 10.68
C ILE A 74 4.85 14.46 11.98
N SER A 75 5.35 15.65 12.30
CA SER A 75 6.13 15.87 13.52
C SER A 75 5.20 16.23 14.68
N LEU A 76 5.14 15.34 15.66
CA LEU A 76 4.41 15.59 16.90
C LEU A 76 5.14 14.91 18.06
N ASP A 77 5.24 15.63 19.16
CA ASP A 77 5.94 15.14 20.35
C ASP A 77 4.97 14.40 21.26
N GLN A 78 5.18 13.11 21.38
CA GLN A 78 4.30 12.26 22.17
C GLN A 78 5.10 11.40 23.14
N GLN A 79 4.78 11.50 24.42
CA GLN A 79 5.43 10.70 25.43
C GLN A 79 4.44 9.69 26.01
ZN ZN B . 1.16 -9.47 0.10
N ASN A 33 -4.09 6.79 -15.03
CA ASN A 33 -3.18 5.74 -14.63
C ASN A 33 -2.13 6.27 -13.65
N MET A 34 -2.41 6.10 -12.37
CA MET A 34 -1.50 6.51 -11.31
C MET A 34 -1.05 5.30 -10.52
N THR A 35 0.25 5.00 -10.55
CA THR A 35 0.77 3.85 -9.84
C THR A 35 1.36 4.22 -8.48
N VAL A 36 0.86 3.56 -7.44
CA VAL A 36 1.29 3.78 -6.07
C VAL A 36 1.95 2.51 -5.54
N ASP A 37 2.76 2.66 -4.50
CA ASP A 37 3.36 1.53 -3.82
C ASP A 37 2.56 1.18 -2.59
N ILE A 38 2.20 -0.10 -2.49
CA ILE A 38 1.48 -0.62 -1.32
C ILE A 38 2.27 -1.71 -0.63
N LEU A 39 2.39 -1.60 0.67
CA LEU A 39 3.17 -2.54 1.46
C LEU A 39 2.22 -3.34 2.35
N CYS A 40 2.27 -4.67 2.22
CA CYS A 40 1.37 -5.56 2.96
C CYS A 40 1.61 -5.57 4.46
N ASN A 41 0.54 -5.86 5.17
CA ASN A 41 0.59 -6.09 6.59
C ASN A 41 0.70 -7.60 6.88
N ASP A 42 0.60 -8.41 5.81
CA ASP A 42 0.61 -9.86 5.92
C ASP A 42 1.91 -10.49 5.39
N CYS A 43 2.27 -10.22 4.13
CA CYS A 43 3.49 -10.78 3.55
C CYS A 43 4.65 -9.83 3.76
N ASN A 44 4.33 -8.59 4.23
CA ASN A 44 5.30 -7.51 4.48
C ASN A 44 6.10 -7.15 3.22
N GLY A 45 5.43 -7.25 2.08
CA GLY A 45 6.06 -6.97 0.81
C GLY A 45 5.29 -5.93 0.04
N ARG A 46 6.03 -5.14 -0.73
CA ARG A 46 5.46 -4.03 -1.46
C ARG A 46 5.17 -4.40 -2.93
N SER A 47 4.25 -3.66 -3.51
CA SER A 47 3.83 -3.84 -4.89
C SER A 47 3.56 -2.49 -5.52
N THR A 48 4.16 -2.22 -6.68
CA THR A 48 3.81 -1.03 -7.43
C THR A 48 2.62 -1.36 -8.33
N VAL A 49 1.48 -0.81 -7.96
CA VAL A 49 0.20 -1.16 -8.58
C VAL A 49 -0.52 0.11 -8.98
N GLN A 50 -1.48 -0.01 -9.89
CA GLN A 50 -2.35 1.11 -10.22
C GLN A 50 -3.34 1.29 -9.07
N PHE A 51 -3.55 2.56 -8.68
CA PHE A 51 -4.40 2.92 -7.54
C PHE A 51 -5.85 2.54 -7.79
N HIS A 52 -6.28 1.53 -7.06
CA HIS A 52 -7.62 1.03 -7.14
C HIS A 52 -8.40 1.50 -5.92
N ILE A 53 -9.48 2.23 -6.17
CA ILE A 53 -10.29 2.86 -5.12
C ILE A 53 -10.98 1.78 -4.25
N LEU A 54 -11.29 0.64 -4.87
CA LEU A 54 -11.90 -0.49 -4.15
C LEU A 54 -10.83 -1.41 -3.54
N GLY A 55 -9.58 -0.97 -3.53
CA GLY A 55 -8.52 -1.72 -2.89
C GLY A 55 -7.46 -2.19 -3.84
N MET A 56 -6.24 -1.78 -3.61
CA MET A 56 -5.09 -2.23 -4.39
C MET A 56 -4.70 -3.65 -4.03
N LYS A 57 -4.38 -4.46 -5.04
CA LYS A 57 -4.03 -5.86 -4.82
C LYS A 57 -2.53 -6.09 -5.04
N CYS A 58 -1.89 -6.62 -4.01
CA CYS A 58 -0.46 -6.95 -4.03
C CYS A 58 -0.19 -8.16 -4.91
N LYS A 59 0.80 -8.06 -5.80
CA LYS A 59 1.11 -9.10 -6.79
C LYS A 59 1.83 -10.30 -6.18
N ILE A 60 2.37 -10.14 -4.96
CA ILE A 60 3.11 -11.19 -4.28
C ILE A 60 2.16 -12.27 -3.73
N CYS A 61 1.08 -11.83 -3.09
CA CYS A 61 0.25 -12.76 -2.32
C CYS A 61 -1.25 -12.55 -2.57
N GLU A 62 -1.59 -11.56 -3.42
CA GLU A 62 -2.99 -11.26 -3.86
C GLU A 62 -3.87 -10.74 -2.71
N SER A 63 -3.25 -10.17 -1.69
CA SER A 63 -3.96 -9.65 -0.54
C SER A 63 -4.17 -8.15 -0.69
N TYR A 64 -5.29 -7.70 -0.13
CA TYR A 64 -5.69 -6.30 -0.14
C TYR A 64 -5.33 -5.62 1.18
N ASN A 65 -4.88 -6.42 2.16
CA ASN A 65 -4.48 -5.93 3.49
C ASN A 65 -3.10 -5.26 3.40
N THR A 66 -3.11 -3.96 3.17
CA THR A 66 -1.91 -3.20 2.90
C THR A 66 -1.98 -1.81 3.51
N ALA A 67 -0.84 -1.14 3.46
CA ALA A 67 -0.69 0.25 3.83
C ALA A 67 0.01 0.92 2.67
N GLN A 68 -0.31 2.18 2.38
CA GLN A 68 0.30 2.86 1.26
C GLN A 68 1.71 3.33 1.66
N ALA A 69 2.71 2.76 0.97
CA ALA A 69 4.10 3.07 1.20
C ALA A 69 4.46 4.38 0.51
N GLY A 70 4.64 5.42 1.33
CA GLY A 70 4.84 6.76 0.82
C GLY A 70 3.59 7.61 0.99
N GLY A 71 2.52 6.99 1.51
CA GLY A 71 1.26 7.66 1.72
C GLY A 71 1.22 8.42 3.03
N ARG A 72 0.36 9.43 3.09
CA ARG A 72 0.27 10.32 4.25
C ARG A 72 -0.47 9.67 5.40
N ARG A 73 -0.08 10.03 6.61
CA ARG A 73 -0.65 9.47 7.83
C ARG A 73 -1.31 10.56 8.66
N ILE A 74 -2.62 10.47 8.81
CA ILE A 74 -3.34 11.33 9.73
C ILE A 74 -3.34 10.72 11.13
N SER A 75 -3.49 11.58 12.15
CA SER A 75 -3.43 11.21 13.57
C SER A 75 -2.07 10.57 13.93
N LEU A 76 -1.07 11.42 14.08
CA LEU A 76 0.26 10.97 14.44
C LEU A 76 0.68 11.58 15.77
N ASP A 77 0.62 10.77 16.80
CA ASP A 77 1.06 11.17 18.14
C ASP A 77 2.47 10.66 18.42
N GLN A 78 3.04 9.97 17.44
CA GLN A 78 4.36 9.35 17.55
C GLN A 78 5.45 10.34 17.16
N GLN A 79 6.49 10.45 17.97
CA GLN A 79 7.58 11.38 17.70
C GLN A 79 8.71 10.70 16.93
ZN ZN B . 1.25 -9.20 -0.10
N ASN A 33 -2.88 5.97 -14.58
CA ASN A 33 -3.70 6.32 -13.43
C ASN A 33 -2.79 6.74 -12.28
N MET A 34 -3.38 7.10 -11.14
CA MET A 34 -2.59 7.43 -9.95
C MET A 34 -2.03 6.16 -9.32
N THR A 35 -0.72 6.15 -9.10
CA THR A 35 -0.06 5.02 -8.49
C THR A 35 0.14 5.25 -7.00
N VAL A 36 -0.36 4.31 -6.23
CA VAL A 36 -0.37 4.37 -4.79
C VAL A 36 0.45 3.20 -4.21
N ASP A 37 0.92 3.36 -2.99
CA ASP A 37 1.67 2.32 -2.34
C ASP A 37 0.83 1.69 -1.23
N ILE A 38 0.69 0.38 -1.28
CA ILE A 38 -0.13 -0.36 -0.31
C ILE A 38 0.71 -1.45 0.38
N LEU A 39 0.63 -1.50 1.69
CA LEU A 39 1.42 -2.43 2.48
C LEU A 39 0.50 -3.49 3.07
N CYS A 40 0.85 -4.76 2.83
CA CYS A 40 0.06 -5.89 3.30
C CYS A 40 0.09 -6.06 4.79
N ASN A 41 -1.04 -6.48 5.31
CA ASN A 41 -1.12 -6.97 6.67
C ASN A 41 -0.76 -8.46 6.72
N ASP A 42 -0.86 -9.12 5.55
CA ASP A 42 -0.68 -10.57 5.45
C ASP A 42 0.76 -10.99 5.15
N CYS A 43 1.42 -10.35 4.17
CA CYS A 43 2.80 -10.72 3.81
C CYS A 43 3.81 -9.71 4.35
N ASN A 44 3.30 -8.64 4.99
CA ASN A 44 4.10 -7.53 5.54
C ASN A 44 4.97 -6.84 4.48
N GLY A 45 4.47 -6.81 3.25
CA GLY A 45 5.22 -6.22 2.15
C GLY A 45 4.36 -5.28 1.33
N ARG A 46 4.98 -4.19 0.89
CA ARG A 46 4.27 -3.16 0.14
C ARG A 46 4.59 -3.23 -1.34
N SER A 47 3.66 -2.75 -2.14
CA SER A 47 3.80 -2.70 -3.59
C SER A 47 3.18 -1.42 -4.12
N THR A 48 3.82 -0.82 -5.10
CA THR A 48 3.27 0.37 -5.73
C THR A 48 2.50 -0.03 -6.98
N VAL A 49 1.18 0.09 -6.86
CA VAL A 49 0.25 -0.31 -7.90
C VAL A 49 -0.70 0.85 -8.20
N GLN A 50 -1.54 0.74 -9.21
CA GLN A 50 -2.53 1.76 -9.48
C GLN A 50 -3.68 1.68 -8.46
N PHE A 51 -4.32 2.82 -8.20
CA PHE A 51 -5.47 2.88 -7.30
C PHE A 51 -6.66 2.18 -7.94
N HIS A 52 -7.01 1.04 -7.37
CA HIS A 52 -8.01 0.16 -7.92
C HIS A 52 -9.18 0.05 -6.95
N ILE A 53 -10.36 0.46 -7.43
CA ILE A 53 -11.60 0.49 -6.64
C ILE A 53 -12.08 -0.94 -6.35
N LEU A 54 -11.75 -1.87 -7.24
CA LEU A 54 -12.16 -3.27 -7.10
C LEU A 54 -11.16 -4.09 -6.27
N GLY A 55 -10.29 -3.42 -5.53
CA GLY A 55 -9.33 -4.09 -4.68
C GLY A 55 -7.92 -3.95 -5.19
N MET A 56 -7.04 -3.41 -4.37
CA MET A 56 -5.66 -3.16 -4.77
C MET A 56 -4.78 -4.37 -4.49
N LYS A 57 -4.08 -4.81 -5.53
CA LYS A 57 -3.34 -6.07 -5.52
C LYS A 57 -1.85 -5.84 -5.34
N CYS A 58 -1.32 -6.28 -4.21
CA CYS A 58 0.12 -6.30 -3.95
C CYS A 58 0.81 -7.32 -4.87
N LYS A 59 1.96 -6.95 -5.42
CA LYS A 59 2.64 -7.75 -6.45
C LYS A 59 3.44 -8.92 -5.86
N ILE A 60 3.61 -8.92 -4.55
CA ILE A 60 4.43 -9.93 -3.87
C ILE A 60 3.61 -11.21 -3.62
N CYS A 61 2.32 -11.05 -3.33
CA CYS A 61 1.48 -12.20 -2.95
C CYS A 61 0.12 -12.20 -3.63
N GLU A 62 -0.23 -11.07 -4.28
CA GLU A 62 -1.50 -10.88 -5.02
C GLU A 62 -2.74 -10.87 -4.11
N SER A 63 -2.54 -10.48 -2.86
CA SER A 63 -3.64 -10.36 -1.92
C SER A 63 -4.10 -8.93 -1.81
N TYR A 64 -5.38 -8.77 -1.45
CA TYR A 64 -6.02 -7.47 -1.35
C TYR A 64 -6.15 -7.04 0.13
N ASN A 65 -5.57 -7.86 1.02
CA ASN A 65 -5.50 -7.55 2.46
C ASN A 65 -4.38 -6.55 2.70
N THR A 66 -4.68 -5.28 2.46
CA THR A 66 -3.67 -4.23 2.49
C THR A 66 -4.17 -2.97 3.18
N ALA A 67 -3.21 -2.20 3.63
CA ALA A 67 -3.44 -0.87 4.17
C ALA A 67 -2.53 0.08 3.41
N GLN A 68 -3.08 1.21 2.96
CA GLN A 68 -2.31 2.15 2.14
C GLN A 68 -1.21 2.84 2.97
N ALA A 69 0.03 2.62 2.56
CA ALA A 69 1.19 3.21 3.22
C ALA A 69 1.58 4.52 2.55
N GLY A 70 1.76 4.46 1.23
CA GLY A 70 2.12 5.64 0.45
C GLY A 70 3.54 6.09 0.70
N GLY A 71 3.66 7.33 1.12
CA GLY A 71 4.93 7.87 1.56
C GLY A 71 4.77 8.50 2.92
N ARG A 72 5.79 8.38 3.77
CA ARG A 72 5.70 8.87 5.15
C ARG A 72 5.75 10.39 5.21
N ARG A 73 4.89 10.96 6.05
CA ARG A 73 4.83 12.40 6.23
C ARG A 73 6.02 12.88 7.05
N ILE A 74 6.90 13.60 6.36
CA ILE A 74 8.12 14.10 6.94
C ILE A 74 7.94 15.55 7.42
N SER A 75 8.08 15.75 8.72
CA SER A 75 7.94 17.06 9.32
C SER A 75 9.30 17.76 9.30
N LEU A 76 9.49 18.62 8.30
CA LEU A 76 10.76 19.27 8.05
C LEU A 76 10.85 20.59 8.83
N ASP A 77 11.87 20.71 9.68
CA ASP A 77 12.01 21.87 10.55
C ASP A 77 13.47 22.36 10.64
N GLN A 78 14.26 22.07 9.60
CA GLN A 78 15.68 22.47 9.54
C GLN A 78 15.84 23.99 9.43
N GLN A 79 14.90 24.64 8.75
CA GLN A 79 14.85 26.09 8.70
C GLN A 79 13.79 26.61 9.67
ZN ZN B . 1.30 -8.92 -0.13
N ASN A 33 -2.11 5.86 -17.51
CA ASN A 33 -1.29 5.40 -16.41
C ASN A 33 -1.60 6.16 -15.13
N MET A 34 -2.39 5.53 -14.27
CA MET A 34 -2.70 6.08 -12.96
C MET A 34 -2.19 5.10 -11.92
N THR A 35 -1.08 5.45 -11.30
CA THR A 35 -0.39 4.55 -10.39
C THR A 35 -0.39 5.08 -8.97
N VAL A 36 -0.84 4.25 -8.05
CA VAL A 36 -0.77 4.53 -6.63
C VAL A 36 0.09 3.46 -5.95
N ASP A 37 0.84 3.85 -4.95
CA ASP A 37 1.61 2.90 -4.18
C ASP A 37 0.80 2.48 -2.98
N ILE A 38 0.74 1.18 -2.72
CA ILE A 38 0.02 0.65 -1.57
C ILE A 38 0.96 -0.12 -0.65
N LEU A 39 0.89 0.15 0.65
CA LEU A 39 1.77 -0.47 1.61
C LEU A 39 0.98 -1.44 2.47
N CYS A 40 1.48 -2.67 2.53
CA CYS A 40 0.82 -3.77 3.23
C CYS A 40 0.78 -3.58 4.73
N ASN A 41 -0.27 -4.11 5.33
CA ASN A 41 -0.42 -4.08 6.77
C ASN A 41 0.14 -5.37 7.37
N ASP A 42 0.27 -6.41 6.54
CA ASP A 42 0.73 -7.73 7.00
C ASP A 42 2.21 -7.99 6.70
N CYS A 43 2.63 -7.88 5.44
CA CYS A 43 4.00 -8.24 5.05
C CYS A 43 4.92 -7.02 5.03
N ASN A 44 4.36 -5.82 5.32
CA ASN A 44 5.07 -4.53 5.27
C ASN A 44 5.81 -4.31 3.95
N GLY A 45 5.14 -4.64 2.87
CA GLY A 45 5.70 -4.49 1.56
C GLY A 45 4.79 -3.70 0.66
N ARG A 46 5.35 -2.68 0.02
CA ARG A 46 4.58 -1.83 -0.86
C ARG A 46 4.70 -2.26 -2.31
N SER A 47 3.68 -1.91 -3.09
CA SER A 47 3.60 -2.27 -4.48
C SER A 47 3.05 -1.10 -5.27
N THR A 48 3.82 -0.63 -6.26
CA THR A 48 3.35 0.41 -7.14
C THR A 48 2.44 -0.22 -8.21
N VAL A 49 1.16 0.06 -8.08
CA VAL A 49 0.13 -0.58 -8.89
C VAL A 49 -0.77 0.47 -9.52
N GLN A 50 -1.63 0.03 -10.41
CA GLN A 50 -2.64 0.90 -10.98
C GLN A 50 -3.85 0.90 -10.04
N PHE A 51 -4.57 2.03 -9.96
CA PHE A 51 -5.73 2.13 -9.07
C PHE A 51 -6.85 1.22 -9.55
N HIS A 52 -7.19 0.26 -8.69
CA HIS A 52 -8.21 -0.72 -8.98
C HIS A 52 -9.44 -0.42 -8.12
N ILE A 53 -10.60 -0.33 -8.79
CA ILE A 53 -11.89 -0.08 -8.13
C ILE A 53 -12.26 -1.22 -7.16
N LEU A 54 -11.88 -2.43 -7.55
CA LEU A 54 -12.15 -3.64 -6.75
C LEU A 54 -11.06 -3.89 -5.70
N GLY A 55 -10.19 -2.90 -5.49
CA GLY A 55 -9.15 -3.00 -4.50
C GLY A 55 -7.81 -3.33 -5.11
N MET A 56 -6.79 -2.62 -4.68
CA MET A 56 -5.44 -2.82 -5.19
C MET A 56 -4.80 -4.04 -4.55
N LYS A 57 -3.97 -4.73 -5.32
CA LYS A 57 -3.39 -5.99 -4.89
C LYS A 57 -1.89 -5.86 -4.65
N CYS A 58 -1.46 -6.27 -3.45
CA CYS A 58 -0.05 -6.36 -3.11
C CYS A 58 0.62 -7.43 -3.98
N LYS A 59 1.66 -7.03 -4.68
CA LYS A 59 2.35 -7.90 -5.67
C LYS A 59 3.42 -8.78 -5.03
N ILE A 60 3.41 -8.85 -3.71
CA ILE A 60 4.42 -9.59 -2.97
C ILE A 60 3.80 -10.79 -2.24
N CYS A 61 2.62 -10.60 -1.61
CA CYS A 61 1.99 -11.70 -0.88
C CYS A 61 0.55 -11.95 -1.33
N GLU A 62 0.08 -11.09 -2.27
CA GLU A 62 -1.28 -11.16 -2.83
C GLU A 62 -2.38 -11.03 -1.78
N SER A 63 -2.31 -9.94 -1.01
CA SER A 63 -3.34 -9.65 -0.02
C SER A 63 -4.07 -8.36 -0.34
N TYR A 64 -5.30 -8.26 0.16
CA TYR A 64 -6.11 -7.04 0.07
C TYR A 64 -5.84 -6.15 1.30
N ASN A 65 -5.19 -6.74 2.31
CA ASN A 65 -4.84 -6.07 3.56
C ASN A 65 -3.68 -5.08 3.35
N THR A 66 -4.05 -3.91 2.83
CA THR A 66 -3.11 -2.87 2.44
C THR A 66 -3.72 -1.51 2.71
N ALA A 67 -2.86 -0.55 2.97
CA ALA A 67 -3.22 0.85 3.01
C ALA A 67 -2.59 1.54 1.82
N GLN A 68 -2.82 2.82 1.64
CA GLN A 68 -2.12 3.55 0.60
C GLN A 68 -0.82 4.09 1.19
N ALA A 69 0.28 3.93 0.46
CA ALA A 69 1.59 4.38 0.91
C ALA A 69 1.76 5.87 0.69
N GLY A 70 1.53 6.63 1.75
CA GLY A 70 1.74 8.06 1.74
C GLY A 70 3.09 8.41 2.34
N GLY A 71 3.51 7.57 3.29
CA GLY A 71 4.80 7.72 3.91
C GLY A 71 5.28 6.38 4.42
N ARG A 72 5.12 6.17 5.72
CA ARG A 72 5.51 4.92 6.36
C ARG A 72 4.30 4.32 7.03
N ARG A 73 4.12 3.01 6.86
CA ARG A 73 3.00 2.29 7.49
C ARG A 73 3.45 1.79 8.85
N ILE A 74 3.32 2.68 9.83
CA ILE A 74 3.67 2.39 11.21
C ILE A 74 2.50 2.76 12.13
N SER A 75 2.47 2.16 13.31
CA SER A 75 1.45 2.46 14.29
C SER A 75 2.09 3.15 15.50
N LEU A 76 2.79 4.26 15.24
CA LEU A 76 3.44 5.02 16.28
C LEU A 76 2.44 6.02 16.83
N ASP A 77 1.87 5.68 17.97
CA ASP A 77 0.88 6.53 18.61
C ASP A 77 1.52 7.34 19.70
N GLN A 78 1.73 8.61 19.41
CA GLN A 78 2.33 9.54 20.36
C GLN A 78 1.27 10.53 20.85
N GLN A 79 0.64 11.23 19.91
CA GLN A 79 -0.35 12.25 20.26
C GLN A 79 -1.69 11.89 19.64
ZN ZN B . 1.79 -7.94 1.17
N ASN A 33 -4.00 2.71 -16.21
CA ASN A 33 -5.05 3.72 -16.05
C ASN A 33 -4.72 4.68 -14.91
N MET A 34 -4.45 4.10 -13.75
CA MET A 34 -4.03 4.85 -12.57
C MET A 34 -3.14 3.95 -11.74
N THR A 35 -1.92 4.38 -11.49
CA THR A 35 -1.01 3.60 -10.66
C THR A 35 -0.79 4.24 -9.31
N VAL A 36 -1.01 3.46 -8.26
CA VAL A 36 -0.76 3.89 -6.90
C VAL A 36 0.19 2.91 -6.23
N ASP A 37 1.02 3.42 -5.34
CA ASP A 37 1.89 2.57 -4.55
C ASP A 37 1.22 2.31 -3.22
N ILE A 38 1.13 1.05 -2.85
CA ILE A 38 0.40 0.65 -1.65
C ILE A 38 1.22 -0.24 -0.73
N LEU A 39 0.99 -0.11 0.56
CA LEU A 39 1.65 -0.92 1.58
C LEU A 39 0.65 -1.88 2.18
N CYS A 40 1.08 -3.12 2.29
CA CYS A 40 0.23 -4.20 2.79
C CYS A 40 -0.02 -4.07 4.27
N ASN A 41 -1.21 -4.47 4.69
CA ASN A 41 -1.57 -4.48 6.10
C ASN A 41 -1.39 -5.89 6.70
N ASP A 42 -0.79 -6.79 5.91
CA ASP A 42 -0.56 -8.18 6.32
C ASP A 42 0.92 -8.60 6.16
N CYS A 43 1.50 -8.47 4.96
CA CYS A 43 2.91 -8.82 4.76
C CYS A 43 3.80 -7.58 4.85
N ASN A 44 3.14 -6.40 4.98
CA ASN A 44 3.77 -5.09 5.18
C ASN A 44 4.77 -4.69 4.06
N GLY A 45 4.51 -5.18 2.84
CA GLY A 45 5.35 -4.83 1.69
C GLY A 45 4.61 -4.00 0.67
N ARG A 46 5.34 -3.16 -0.05
CA ARG A 46 4.73 -2.26 -1.01
C ARG A 46 4.71 -2.84 -2.42
N SER A 47 3.75 -2.37 -3.22
CA SER A 47 3.64 -2.72 -4.63
C SER A 47 3.07 -1.55 -5.42
N THR A 48 3.77 -1.14 -6.48
CA THR A 48 3.24 -0.12 -7.37
C THR A 48 2.36 -0.81 -8.41
N VAL A 49 1.06 -0.61 -8.29
CA VAL A 49 0.07 -1.35 -9.08
C VAL A 49 -1.09 -0.43 -9.46
N GLN A 50 -2.00 -0.94 -10.26
CA GLN A 50 -3.18 -0.19 -10.66
C GLN A 50 -4.17 -0.06 -9.51
N PHE A 51 -4.74 1.15 -9.38
CA PHE A 51 -5.71 1.45 -8.34
C PHE A 51 -6.99 0.68 -8.62
N HIS A 52 -7.34 -0.12 -7.63
CA HIS A 52 -8.44 -1.05 -7.73
C HIS A 52 -9.30 -0.90 -6.47
N ILE A 53 -10.57 -0.58 -6.67
CA ILE A 53 -11.50 -0.27 -5.57
C ILE A 53 -11.78 -1.52 -4.70
N LEU A 54 -11.67 -2.69 -5.32
CA LEU A 54 -11.85 -3.98 -4.62
C LEU A 54 -10.53 -4.50 -4.03
N GLY A 55 -9.62 -3.57 -3.70
CA GLY A 55 -8.34 -3.91 -3.14
C GLY A 55 -7.24 -3.91 -4.19
N MET A 56 -6.12 -3.27 -3.87
CA MET A 56 -4.97 -3.26 -4.77
C MET A 56 -4.19 -4.55 -4.65
N LYS A 57 -3.81 -5.10 -5.80
CA LYS A 57 -3.05 -6.35 -5.85
C LYS A 57 -1.60 -6.14 -5.39
N CYS A 58 -1.30 -6.70 -4.23
CA CYS A 58 0.07 -6.78 -3.77
C CYS A 58 0.74 -7.96 -4.44
N LYS A 59 1.85 -7.73 -5.11
CA LYS A 59 2.51 -8.77 -5.91
C LYS A 59 3.39 -9.69 -5.08
N ILE A 60 3.46 -9.42 -3.77
CA ILE A 60 4.29 -10.17 -2.85
C ILE A 60 3.50 -11.34 -2.24
N CYS A 61 2.19 -11.15 -2.02
CA CYS A 61 1.38 -12.18 -1.35
C CYS A 61 -0.02 -12.33 -1.94
N GLU A 62 -0.31 -11.50 -2.98
CA GLU A 62 -1.61 -11.50 -3.72
C GLU A 62 -2.81 -11.07 -2.87
N SER A 63 -2.53 -10.37 -1.77
CA SER A 63 -3.56 -9.86 -0.88
C SER A 63 -3.98 -8.47 -1.30
N TYR A 64 -5.25 -8.17 -1.09
CA TYR A 64 -5.82 -6.89 -1.46
C TYR A 64 -5.94 -5.95 -0.26
N ASN A 65 -5.59 -6.46 0.94
CA ASN A 65 -5.63 -5.67 2.17
C ASN A 65 -4.41 -4.75 2.23
N THR A 66 -4.60 -3.54 1.69
CA THR A 66 -3.51 -2.59 1.49
C THR A 66 -3.99 -1.16 1.74
N ALA A 67 -3.12 -0.36 2.31
CA ALA A 67 -3.34 1.06 2.49
C ALA A 67 -2.31 1.83 1.67
N GLN A 68 -2.68 3.00 1.15
CA GLN A 68 -1.81 3.74 0.22
C GLN A 68 -0.52 4.21 0.89
N ALA A 69 0.61 3.87 0.26
CA ALA A 69 1.94 3.99 0.86
C ALA A 69 2.58 5.37 0.66
N GLY A 70 3.79 5.50 1.19
CA GLY A 70 4.57 6.70 1.06
C GLY A 70 5.70 6.71 2.06
N GLY A 71 6.36 7.86 2.23
CA GLY A 71 7.43 7.98 3.20
C GLY A 71 6.93 8.57 4.51
N ARG A 72 6.06 7.85 5.19
CA ARG A 72 5.44 8.33 6.41
C ARG A 72 5.82 7.45 7.60
N ARG A 73 6.68 7.97 8.46
CA ARG A 73 6.99 7.33 9.72
C ARG A 73 6.32 8.12 10.82
N ILE A 74 5.58 7.43 11.68
CA ILE A 74 4.80 8.09 12.73
C ILE A 74 5.68 8.61 13.87
N SER A 75 5.73 9.92 13.97
CA SER A 75 6.49 10.60 15.00
C SER A 75 5.52 11.34 15.91
N LEU A 76 5.26 10.75 17.07
CA LEU A 76 4.27 11.29 17.99
C LEU A 76 4.92 12.27 18.96
N ASP A 77 4.14 13.26 19.39
CA ASP A 77 4.58 14.18 20.42
C ASP A 77 3.99 13.76 21.76
N GLN A 78 4.67 14.14 22.83
CA GLN A 78 4.26 13.77 24.18
C GLN A 78 4.92 14.69 25.20
N GLN A 79 4.50 14.58 26.45
CA GLN A 79 5.21 15.22 27.55
C GLN A 79 6.23 14.25 28.14
ZN ZN B . 1.27 -8.35 0.66
N ASN A 33 -2.43 4.44 -15.96
CA ASN A 33 -3.35 5.59 -15.92
C ASN A 33 -3.24 6.31 -14.58
N MET A 34 -3.55 5.61 -13.50
CA MET A 34 -3.38 6.13 -12.16
C MET A 34 -2.67 5.09 -11.31
N THR A 35 -1.36 5.19 -11.20
CA THR A 35 -0.59 4.24 -10.41
C THR A 35 -0.46 4.74 -8.97
N VAL A 36 -0.89 3.89 -8.05
CA VAL A 36 -0.90 4.21 -6.63
C VAL A 36 -0.01 3.23 -5.88
N ASP A 37 0.57 3.68 -4.79
CA ASP A 37 1.41 2.83 -3.97
C ASP A 37 0.63 2.38 -2.73
N ILE A 38 0.59 1.07 -2.54
CA ILE A 38 -0.11 0.47 -1.40
C ILE A 38 0.85 -0.32 -0.52
N LEU A 39 0.81 -0.06 0.77
CA LEU A 39 1.75 -0.66 1.71
C LEU A 39 1.01 -1.67 2.58
N CYS A 40 1.59 -2.86 2.67
CA CYS A 40 0.96 -3.99 3.36
C CYS A 40 1.08 -3.87 4.86
N ASN A 41 0.01 -4.23 5.52
CA ASN A 41 -0.06 -4.21 6.98
C ASN A 41 0.48 -5.50 7.62
N ASP A 42 0.69 -6.56 6.83
CA ASP A 42 1.17 -7.85 7.38
C ASP A 42 2.53 -8.27 6.84
N CYS A 43 2.72 -8.28 5.51
CA CYS A 43 4.00 -8.79 4.93
C CYS A 43 5.09 -7.72 4.86
N ASN A 44 4.73 -6.49 5.30
CA ASN A 44 5.66 -5.33 5.42
C ASN A 44 6.38 -5.02 4.10
N GLY A 45 5.70 -4.30 3.24
CA GLY A 45 6.23 -4.00 1.93
C GLY A 45 5.16 -3.46 1.03
N ARG A 46 5.56 -2.65 0.08
CA ARG A 46 4.62 -1.93 -0.75
C ARG A 46 4.72 -2.32 -2.22
N SER A 47 3.63 -2.08 -2.93
CA SER A 47 3.54 -2.37 -4.35
C SER A 47 2.92 -1.18 -5.06
N THR A 48 3.62 -0.61 -6.03
CA THR A 48 3.04 0.43 -6.87
C THR A 48 2.35 -0.23 -8.05
N VAL A 49 1.03 -0.18 -8.01
CA VAL A 49 0.16 -0.86 -8.96
C VAL A 49 -0.84 0.13 -9.54
N GLN A 50 -1.60 -0.29 -10.55
CA GLN A 50 -2.68 0.55 -11.08
C GLN A 50 -3.87 0.54 -10.12
N PHE A 51 -4.47 1.71 -9.93
CA PHE A 51 -5.60 1.90 -9.03
C PHE A 51 -6.81 1.15 -9.57
N HIS A 52 -7.29 0.24 -8.75
CA HIS A 52 -8.40 -0.63 -9.09
C HIS A 52 -9.53 -0.38 -8.10
N ILE A 53 -10.72 -0.13 -8.63
CA ILE A 53 -11.92 0.15 -7.82
C ILE A 53 -12.30 -1.08 -6.98
N LEU A 54 -12.13 -2.27 -7.58
CA LEU A 54 -12.49 -3.52 -6.92
C LEU A 54 -11.39 -4.01 -5.96
N GLY A 55 -10.24 -3.32 -5.97
CA GLY A 55 -9.18 -3.65 -5.05
C GLY A 55 -7.84 -3.83 -5.71
N MET A 56 -6.81 -3.20 -5.15
CA MET A 56 -5.44 -3.36 -5.61
C MET A 56 -4.79 -4.55 -4.93
N LYS A 57 -4.13 -5.40 -5.72
CA LYS A 57 -3.52 -6.59 -5.19
C LYS A 57 -2.04 -6.35 -4.87
N CYS A 58 -1.64 -6.69 -3.65
CA CYS A 58 -0.25 -6.68 -3.23
C CYS A 58 0.55 -7.72 -4.00
N LYS A 59 1.64 -7.31 -4.62
CA LYS A 59 2.44 -8.19 -5.46
C LYS A 59 3.53 -8.94 -4.66
N ILE A 60 3.28 -9.14 -3.37
CA ILE A 60 4.19 -9.88 -2.51
C ILE A 60 3.46 -11.10 -1.90
N CYS A 61 2.21 -10.89 -1.44
CA CYS A 61 1.44 -11.97 -0.79
C CYS A 61 0.07 -12.19 -1.46
N GLU A 62 -0.19 -11.39 -2.53
CA GLU A 62 -1.43 -11.46 -3.36
C GLU A 62 -2.74 -11.21 -2.57
N SER A 63 -2.66 -10.44 -1.50
CA SER A 63 -3.83 -10.15 -0.68
C SER A 63 -4.14 -8.64 -0.72
N TYR A 64 -5.38 -8.28 -0.37
CA TYR A 64 -5.86 -6.89 -0.36
C TYR A 64 -5.79 -6.30 1.07
N ASN A 65 -4.85 -6.81 1.86
CA ASN A 65 -4.61 -6.33 3.22
C ASN A 65 -3.60 -5.15 3.23
N THR A 66 -3.74 -4.29 2.23
CA THR A 66 -2.85 -3.16 2.04
C THR A 66 -3.58 -1.85 2.23
N ALA A 67 -2.87 -0.89 2.79
CA ALA A 67 -3.39 0.45 2.98
C ALA A 67 -2.70 1.37 1.99
N GLN A 68 -3.47 2.26 1.35
CA GLN A 68 -2.91 3.18 0.36
C GLN A 68 -1.98 4.19 1.05
N ALA A 69 -0.70 4.14 0.65
CA ALA A 69 0.33 4.94 1.27
C ALA A 69 0.39 6.33 0.65
N GLY A 70 -0.24 7.28 1.31
CA GLY A 70 -0.22 8.66 0.87
C GLY A 70 0.08 9.61 2.00
N GLY A 71 1.13 9.28 2.76
CA GLY A 71 1.51 10.06 3.91
C GLY A 71 2.75 9.51 4.58
N ARG A 72 2.60 9.10 5.83
CA ARG A 72 3.70 8.52 6.59
C ARG A 72 3.26 7.20 7.24
N ARG A 73 4.25 6.39 7.62
CA ARG A 73 4.00 5.18 8.39
C ARG A 73 5.00 5.10 9.54
N ILE A 74 4.59 4.49 10.64
CA ILE A 74 5.44 4.37 11.82
C ILE A 74 6.51 3.28 11.61
N SER A 75 7.76 3.67 11.85
CA SER A 75 8.87 2.75 11.78
C SER A 75 9.10 2.13 13.16
N LEU A 76 8.61 0.90 13.34
CA LEU A 76 8.85 0.18 14.57
C LEU A 76 9.52 -1.15 14.27
N ASP A 77 10.83 -1.15 14.43
CA ASP A 77 11.64 -2.35 14.30
C ASP A 77 12.50 -2.52 15.56
N GLN A 78 12.37 -1.55 16.46
CA GLN A 78 13.11 -1.54 17.73
C GLN A 78 12.53 -2.58 18.67
N GLN A 79 11.23 -2.49 18.91
CA GLN A 79 10.53 -3.46 19.72
C GLN A 79 9.62 -4.30 18.83
ZN ZN B . 1.47 -8.15 1.16
N ASN A 33 -2.83 6.83 -15.22
CA ASN A 33 -2.93 5.83 -14.16
C ASN A 33 -2.21 6.28 -12.91
N MET A 34 -2.98 6.53 -11.86
CA MET A 34 -2.43 6.89 -10.56
C MET A 34 -1.90 5.64 -9.85
N THR A 35 -0.60 5.61 -9.61
CA THR A 35 0.00 4.53 -8.87
C THR A 35 0.05 4.86 -7.38
N VAL A 36 -0.50 3.97 -6.58
CA VAL A 36 -0.56 4.14 -5.14
C VAL A 36 0.13 2.98 -4.44
N ASP A 37 0.74 3.27 -3.30
CA ASP A 37 1.39 2.26 -2.49
C ASP A 37 0.41 1.62 -1.53
N ILE A 38 0.44 0.30 -1.47
CA ILE A 38 -0.39 -0.48 -0.56
C ILE A 38 0.44 -1.48 0.21
N LEU A 39 0.36 -1.44 1.52
CA LEU A 39 1.18 -2.26 2.38
C LEU A 39 0.31 -3.32 3.04
N CYS A 40 0.64 -4.60 2.77
CA CYS A 40 -0.16 -5.75 3.23
C CYS A 40 -0.27 -5.84 4.73
N ASN A 41 -1.44 -6.29 5.17
CA ASN A 41 -1.66 -6.65 6.56
C ASN A 41 -1.25 -8.12 6.79
N ASP A 42 -0.99 -8.83 5.69
CA ASP A 42 -0.60 -10.25 5.73
C ASP A 42 0.92 -10.47 5.54
N CYS A 43 1.51 -9.95 4.45
CA CYS A 43 2.94 -10.20 4.16
C CYS A 43 3.84 -9.02 4.57
N ASN A 44 3.20 -7.93 5.06
CA ASN A 44 3.86 -6.67 5.44
C ASN A 44 4.74 -6.08 4.34
N GLY A 45 4.36 -6.31 3.10
CA GLY A 45 5.10 -5.78 1.97
C GLY A 45 4.26 -4.83 1.16
N ARG A 46 4.86 -3.72 0.78
CA ARG A 46 4.14 -2.72 0.01
C ARG A 46 4.38 -2.90 -1.49
N SER A 47 3.41 -2.50 -2.27
CA SER A 47 3.47 -2.56 -3.72
C SER A 47 2.95 -1.26 -4.30
N THR A 48 3.72 -0.62 -5.17
CA THR A 48 3.21 0.51 -5.90
C THR A 48 2.51 0.00 -7.14
N VAL A 49 1.19 0.09 -7.13
CA VAL A 49 0.36 -0.48 -8.19
C VAL A 49 -0.66 0.55 -8.66
N GLN A 50 -1.37 0.23 -9.72
CA GLN A 50 -2.43 1.11 -10.22
C GLN A 50 -3.63 1.05 -9.30
N PHE A 51 -4.33 2.19 -9.20
CA PHE A 51 -5.48 2.30 -8.30
C PHE A 51 -6.65 1.51 -8.85
N HIS A 52 -6.95 0.42 -8.16
CA HIS A 52 -8.02 -0.46 -8.52
C HIS A 52 -9.12 -0.34 -7.47
N ILE A 53 -10.29 0.13 -7.89
CA ILE A 53 -11.41 0.43 -7.00
C ILE A 53 -11.89 -0.82 -6.24
N LEU A 54 -11.86 -1.96 -6.92
CA LEU A 54 -12.23 -3.25 -6.31
C LEU A 54 -11.01 -3.95 -5.67
N GLY A 55 -10.12 -3.16 -5.05
CA GLY A 55 -9.01 -3.70 -4.30
C GLY A 55 -7.71 -3.71 -5.08
N MET A 56 -6.74 -2.91 -4.62
CA MET A 56 -5.39 -2.93 -5.20
C MET A 56 -4.66 -4.22 -4.81
N LYS A 57 -4.02 -4.86 -5.79
CA LYS A 57 -3.36 -6.14 -5.57
C LYS A 57 -1.85 -5.98 -5.39
N CYS A 58 -1.35 -6.45 -4.25
CA CYS A 58 0.08 -6.55 -3.97
C CYS A 58 0.71 -7.63 -4.84
N LYS A 59 1.76 -7.28 -5.55
CA LYS A 59 2.35 -8.19 -6.55
C LYS A 59 3.42 -9.10 -5.95
N ILE A 60 3.66 -8.98 -4.65
CA ILE A 60 4.64 -9.83 -3.97
C ILE A 60 3.99 -11.15 -3.55
N CYS A 61 2.72 -11.11 -3.17
CA CYS A 61 2.03 -12.30 -2.66
C CYS A 61 0.66 -12.52 -3.32
N GLU A 62 0.21 -11.51 -4.11
CA GLU A 62 -1.05 -11.55 -4.90
C GLU A 62 -2.29 -11.47 -4.01
N SER A 63 -2.17 -10.71 -2.93
CA SER A 63 -3.29 -10.46 -2.02
C SER A 63 -3.71 -8.99 -2.09
N TYR A 64 -5.00 -8.75 -2.03
CA TYR A 64 -5.53 -7.38 -2.03
C TYR A 64 -5.76 -6.88 -0.59
N ASN A 65 -5.46 -7.74 0.39
CA ASN A 65 -5.53 -7.39 1.82
C ASN A 65 -4.40 -6.43 2.19
N THR A 66 -4.66 -5.15 2.00
CA THR A 66 -3.65 -4.13 2.14
C THR A 66 -4.21 -2.88 2.78
N ALA A 67 -3.30 -2.05 3.23
CA ALA A 67 -3.60 -0.73 3.75
C ALA A 67 -2.84 0.28 2.93
N GLN A 68 -3.56 1.23 2.34
CA GLN A 68 -2.97 2.23 1.46
C GLN A 68 -2.02 3.14 2.25
N ALA A 69 -0.75 3.10 1.86
CA ALA A 69 0.31 3.85 2.54
C ALA A 69 0.20 5.33 2.20
N GLY A 70 -0.06 6.14 3.22
CA GLY A 70 -0.22 7.57 3.02
C GLY A 70 1.12 8.28 2.91
N GLY A 71 2.00 8.00 3.86
CA GLY A 71 3.32 8.59 3.86
C GLY A 71 3.77 8.96 5.25
N ARG A 72 5.08 8.85 5.49
CA ARG A 72 5.66 9.14 6.79
C ARG A 72 6.03 10.62 6.86
N ARG A 73 5.26 11.37 7.63
CA ARG A 73 5.49 12.79 7.80
C ARG A 73 5.99 13.06 9.22
N ILE A 74 7.30 12.90 9.40
CA ILE A 74 7.95 13.22 10.67
C ILE A 74 9.13 14.15 10.37
N SER A 75 8.88 15.45 10.50
CA SER A 75 9.92 16.45 10.30
C SER A 75 10.59 16.77 11.62
N LEU A 76 9.78 17.00 12.66
CA LEU A 76 10.28 17.21 14.00
C LEU A 76 9.27 16.68 15.01
N ASP A 77 9.58 15.53 15.59
CA ASP A 77 8.73 14.90 16.59
C ASP A 77 9.32 15.14 17.97
N GLN A 78 8.97 16.27 18.56
CA GLN A 78 9.57 16.70 19.81
C GLN A 78 8.58 17.53 20.62
N GLN A 79 8.42 17.17 21.90
CA GLN A 79 7.60 17.95 22.81
C GLN A 79 8.48 18.83 23.71
ZN ZN B . 1.40 -8.92 0.04
N ASN A 33 -4.18 4.84 -13.70
CA ASN A 33 -4.57 5.25 -12.36
C ASN A 33 -3.31 5.70 -11.60
N MET A 34 -3.50 6.48 -10.53
CA MET A 34 -2.40 6.98 -9.73
C MET A 34 -1.66 5.84 -9.03
N THR A 35 -0.35 5.84 -9.11
CA THR A 35 0.43 4.78 -8.51
C THR A 35 0.78 5.10 -7.07
N VAL A 36 0.37 4.21 -6.19
CA VAL A 36 0.55 4.36 -4.76
C VAL A 36 1.24 3.11 -4.20
N ASP A 37 1.89 3.26 -3.07
CA ASP A 37 2.53 2.13 -2.43
C ASP A 37 1.72 1.62 -1.24
N ILE A 38 1.40 0.34 -1.31
CA ILE A 38 0.60 -0.33 -0.29
C ILE A 38 1.37 -1.49 0.33
N LEU A 39 1.37 -1.59 1.64
CA LEU A 39 2.17 -2.58 2.35
C LEU A 39 1.25 -3.65 2.94
N CYS A 40 1.51 -4.89 2.53
CA CYS A 40 0.67 -6.05 2.92
C CYS A 40 0.72 -6.35 4.40
N ASN A 41 -0.40 -6.82 4.91
CA ASN A 41 -0.45 -7.31 6.28
C ASN A 41 -0.17 -8.81 6.34
N ASP A 42 -0.38 -9.50 5.21
CA ASP A 42 -0.22 -10.96 5.15
C ASP A 42 1.20 -11.39 4.75
N CYS A 43 1.70 -10.89 3.60
CA CYS A 43 3.02 -11.29 3.11
C CYS A 43 4.09 -10.28 3.52
N ASN A 44 3.64 -9.20 4.21
CA ASN A 44 4.50 -8.12 4.76
C ASN A 44 5.40 -7.45 3.72
N GLY A 45 4.94 -7.41 2.48
CA GLY A 45 5.69 -6.78 1.42
C GLY A 45 4.86 -5.75 0.70
N ARG A 46 5.49 -4.66 0.28
CA ARG A 46 4.76 -3.59 -0.36
C ARG A 46 4.84 -3.68 -1.89
N SER A 47 3.77 -3.23 -2.52
CA SER A 47 3.69 -3.19 -3.97
C SER A 47 3.32 -1.78 -4.41
N THR A 48 3.96 -1.30 -5.46
CA THR A 48 3.58 -0.03 -6.04
C THR A 48 2.69 -0.32 -7.24
N VAL A 49 1.41 -0.02 -7.08
CA VAL A 49 0.40 -0.37 -8.07
C VAL A 49 -0.51 0.81 -8.33
N GLN A 50 -1.32 0.69 -9.38
CA GLN A 50 -2.33 1.70 -9.69
C GLN A 50 -3.49 1.60 -8.72
N PHE A 51 -4.18 2.72 -8.50
CA PHE A 51 -5.33 2.77 -7.61
C PHE A 51 -6.52 2.04 -8.22
N HIS A 52 -6.68 0.82 -7.78
CA HIS A 52 -7.79 -0.02 -8.19
C HIS A 52 -8.88 0.12 -7.13
N ILE A 53 -10.01 0.64 -7.58
CA ILE A 53 -11.18 0.93 -6.72
C ILE A 53 -11.80 -0.38 -6.22
N LEU A 54 -11.64 -1.44 -6.99
CA LEU A 54 -12.20 -2.75 -6.64
C LEU A 54 -11.19 -3.62 -5.86
N GLY A 55 -10.09 -3.03 -5.41
CA GLY A 55 -9.11 -3.77 -4.62
C GLY A 55 -7.73 -3.76 -5.23
N MET A 56 -6.81 -3.00 -4.62
CA MET A 56 -5.43 -2.89 -5.10
C MET A 56 -4.66 -4.17 -4.89
N LYS A 57 -4.21 -4.76 -6.00
CA LYS A 57 -3.62 -6.08 -6.00
C LYS A 57 -2.10 -6.02 -5.79
N CYS A 58 -1.69 -6.50 -4.64
CA CYS A 58 -0.29 -6.79 -4.35
C CYS A 58 0.20 -7.90 -5.27
N LYS A 59 1.23 -7.61 -6.08
CA LYS A 59 1.71 -8.58 -7.09
C LYS A 59 2.74 -9.55 -6.52
N ILE A 60 2.78 -9.65 -5.20
CA ILE A 60 3.65 -10.58 -4.48
C ILE A 60 2.84 -11.82 -4.05
N CYS A 61 1.55 -11.63 -3.78
CA CYS A 61 0.70 -12.74 -3.28
C CYS A 61 -0.71 -12.74 -3.88
N GLU A 62 -1.07 -11.66 -4.64
CA GLU A 62 -2.39 -11.49 -5.32
C GLU A 62 -3.52 -11.17 -4.33
N SER A 63 -3.17 -10.70 -3.15
CA SER A 63 -4.15 -10.34 -2.14
C SER A 63 -4.25 -8.83 -2.01
N TYR A 64 -5.47 -8.35 -1.73
CA TYR A 64 -5.73 -6.93 -1.57
C TYR A 64 -5.72 -6.52 -0.09
N ASN A 65 -5.33 -7.46 0.79
CA ASN A 65 -5.21 -7.20 2.23
C ASN A 65 -3.91 -6.44 2.50
N THR A 66 -4.03 -5.13 2.45
CA THR A 66 -2.89 -4.24 2.55
C THR A 66 -3.26 -3.01 3.38
N ALA A 67 -2.26 -2.25 3.74
CA ALA A 67 -2.44 -0.96 4.37
C ALA A 67 -1.68 0.08 3.56
N GLN A 68 -2.32 1.21 3.25
CA GLN A 68 -1.69 2.24 2.45
C GLN A 68 -0.58 2.94 3.25
N ALA A 69 0.64 2.83 2.72
CA ALA A 69 1.83 3.31 3.43
C ALA A 69 2.03 4.81 3.21
N GLY A 70 2.68 5.45 4.18
CA GLY A 70 2.94 6.88 4.08
C GLY A 70 2.18 7.68 5.12
N GLY A 71 1.23 8.48 4.65
CA GLY A 71 0.42 9.30 5.55
C GLY A 71 1.02 10.68 5.74
N ARG A 72 0.84 11.24 6.93
CA ARG A 72 1.36 12.57 7.21
C ARG A 72 2.18 12.58 8.51
N ARG A 73 3.48 12.51 8.35
CA ARG A 73 4.39 12.67 9.46
C ARG A 73 5.27 13.87 9.16
N ILE A 74 4.89 15.02 9.69
CA ILE A 74 5.68 16.23 9.55
C ILE A 74 5.84 16.90 10.89
N SER A 75 6.92 17.64 11.05
CA SER A 75 7.12 18.45 12.24
C SER A 75 6.51 19.83 12.02
N LEU A 76 5.19 19.90 12.09
CA LEU A 76 4.48 21.15 11.88
C LEU A 76 4.26 21.85 13.21
N ASP A 77 5.18 22.74 13.50
CA ASP A 77 5.15 23.55 14.70
C ASP A 77 5.96 24.80 14.44
N GLN A 78 5.26 25.88 14.11
CA GLN A 78 5.92 27.13 13.77
C GLN A 78 5.41 28.26 14.66
N GLN A 79 6.24 28.62 15.62
CA GLN A 79 5.92 29.65 16.59
C GLN A 79 7.10 30.60 16.82
ZN ZN B . 1.05 -9.37 -0.49
N ASN A 33 -0.09 3.88 -16.38
CA ASN A 33 -1.41 4.07 -15.79
C ASN A 33 -1.24 4.83 -14.46
N MET A 34 -2.33 5.21 -13.81
CA MET A 34 -2.26 5.81 -12.47
C MET A 34 -1.88 4.74 -11.44
N THR A 35 -0.62 4.72 -11.08
CA THR A 35 -0.09 3.69 -10.19
C THR A 35 0.14 4.25 -8.81
N VAL A 36 -0.44 3.59 -7.83
CA VAL A 36 -0.37 4.04 -6.44
C VAL A 36 0.46 3.06 -5.60
N ASP A 37 1.24 3.61 -4.69
CA ASP A 37 2.05 2.80 -3.79
C ASP A 37 1.24 2.46 -2.53
N ILE A 38 1.09 1.18 -2.29
CA ILE A 38 0.21 0.65 -1.25
C ILE A 38 1.01 -0.15 -0.24
N LEU A 39 0.67 -0.06 1.04
CA LEU A 39 1.37 -0.81 2.07
C LEU A 39 0.45 -1.88 2.63
N CYS A 40 0.95 -3.12 2.64
CA CYS A 40 0.17 -4.30 2.99
C CYS A 40 -0.18 -4.37 4.47
N ASN A 41 -1.38 -4.89 4.72
CA ASN A 41 -1.84 -5.12 6.08
C ASN A 41 -1.49 -6.54 6.54
N ASP A 42 -1.09 -7.41 5.59
CA ASP A 42 -0.80 -8.80 5.93
C ASP A 42 0.70 -9.15 5.88
N CYS A 43 1.39 -8.87 4.76
CA CYS A 43 2.79 -9.33 4.60
C CYS A 43 3.81 -8.25 4.97
N ASN A 44 3.32 -7.05 5.33
CA ASN A 44 4.13 -5.87 5.62
C ASN A 44 5.13 -5.56 4.51
N GLY A 45 4.65 -4.87 3.48
CA GLY A 45 5.46 -4.56 2.33
C GLY A 45 4.68 -3.78 1.32
N ARG A 46 5.35 -2.83 0.67
CA ARG A 46 4.67 -1.94 -0.25
C ARG A 46 4.83 -2.38 -1.72
N SER A 47 3.87 -1.98 -2.53
CA SER A 47 3.83 -2.31 -3.95
C SER A 47 3.32 -1.11 -4.73
N THR A 48 3.97 -0.74 -5.82
CA THR A 48 3.43 0.28 -6.70
C THR A 48 2.71 -0.41 -7.85
N VAL A 49 1.39 -0.34 -7.84
CA VAL A 49 0.54 -1.07 -8.77
C VAL A 49 -0.63 -0.20 -9.25
N GLN A 50 -1.39 -0.71 -10.20
CA GLN A 50 -2.53 -0.01 -10.77
C GLN A 50 -3.67 0.03 -9.74
N PHE A 51 -4.29 1.22 -9.60
CA PHE A 51 -5.35 1.45 -8.62
C PHE A 51 -6.58 0.60 -8.93
N HIS A 52 -7.06 -0.10 -7.92
CA HIS A 52 -8.18 -1.01 -8.03
C HIS A 52 -9.18 -0.69 -6.92
N ILE A 53 -10.44 -0.44 -7.29
CA ILE A 53 -11.49 -0.02 -6.32
C ILE A 53 -11.81 -1.16 -5.33
N LEU A 54 -11.68 -2.41 -5.78
CA LEU A 54 -11.88 -3.60 -4.93
C LEU A 54 -10.59 -4.00 -4.18
N GLY A 55 -9.61 -3.10 -4.12
CA GLY A 55 -8.37 -3.38 -3.43
C GLY A 55 -7.22 -3.60 -4.38
N MET A 56 -6.16 -2.82 -4.21
CA MET A 56 -4.98 -2.89 -5.06
C MET A 56 -4.18 -4.17 -4.76
N LYS A 57 -3.69 -4.81 -5.83
CA LYS A 57 -3.00 -6.09 -5.70
C LYS A 57 -1.52 -5.90 -5.38
N CYS A 58 -1.18 -6.20 -4.13
CA CYS A 58 0.21 -6.26 -3.67
C CYS A 58 0.93 -7.39 -4.38
N LYS A 59 2.05 -7.10 -5.04
CA LYS A 59 2.72 -8.09 -5.88
C LYS A 59 3.73 -8.94 -5.09
N ILE A 60 3.70 -8.80 -3.77
CA ILE A 60 4.55 -9.60 -2.88
C ILE A 60 3.80 -10.87 -2.43
N CYS A 61 2.48 -10.76 -2.24
CA CYS A 61 1.70 -11.88 -1.70
C CYS A 61 0.41 -12.12 -2.48
N GLU A 62 0.10 -11.20 -3.43
CA GLU A 62 -1.07 -11.26 -4.34
C GLU A 62 -2.39 -10.98 -3.61
N SER A 63 -2.30 -10.31 -2.48
CA SER A 63 -3.47 -9.96 -1.69
C SER A 63 -3.84 -8.49 -1.90
N TYR A 64 -5.13 -8.22 -1.87
CA TYR A 64 -5.67 -6.87 -2.05
C TYR A 64 -5.81 -6.12 -0.72
N ASN A 65 -5.46 -6.78 0.39
CA ASN A 65 -5.57 -6.20 1.73
C ASN A 65 -4.41 -5.23 1.97
N THR A 66 -4.60 -4.00 1.51
CA THR A 66 -3.57 -2.97 1.51
C THR A 66 -4.16 -1.60 1.80
N ALA A 67 -3.39 -0.79 2.49
CA ALA A 67 -3.71 0.60 2.73
C ALA A 67 -2.65 1.46 2.09
N GLN A 68 -3.08 2.33 1.17
CA GLN A 68 -2.18 3.16 0.35
C GLN A 68 -1.17 3.94 1.22
N ALA A 69 0.11 3.65 0.98
CA ALA A 69 1.21 4.22 1.76
C ALA A 69 1.34 5.72 1.50
N GLY A 70 1.02 6.48 2.53
CA GLY A 70 1.04 7.92 2.43
C GLY A 70 0.20 8.54 3.53
N GLY A 71 0.77 9.52 4.22
CA GLY A 71 0.07 10.18 5.30
C GLY A 71 0.61 9.79 6.66
N ARG A 72 1.07 8.55 6.77
CA ARG A 72 1.63 8.03 8.01
C ARG A 72 3.15 8.01 7.93
N ARG A 73 3.77 8.23 9.09
CA ARG A 73 5.21 8.17 9.20
C ARG A 73 5.60 7.06 10.17
N ILE A 74 6.21 6.01 9.63
CA ILE A 74 6.80 4.99 10.47
C ILE A 74 8.23 5.41 10.85
N SER A 75 8.36 5.90 12.07
CA SER A 75 9.64 6.31 12.61
C SER A 75 10.28 5.13 13.34
N LEU A 76 10.71 4.15 12.56
CA LEU A 76 11.31 2.93 13.09
C LEU A 76 12.74 3.21 13.50
N ASP A 77 13.00 3.13 14.81
CA ASP A 77 14.34 3.36 15.34
C ASP A 77 15.24 2.16 15.03
N GLN A 78 16.10 2.36 14.04
CA GLN A 78 17.01 1.33 13.59
C GLN A 78 18.43 1.78 13.82
N GLN A 79 19.28 0.84 14.21
CA GLN A 79 20.69 1.10 14.38
C GLN A 79 21.47 0.48 13.22
ZN ZN B . 1.33 -8.23 0.59
N ASN A 33 -2.18 8.13 -15.78
CA ASN A 33 -2.31 6.81 -15.18
C ASN A 33 -2.31 6.96 -13.66
N MET A 34 -3.14 6.19 -12.98
CA MET A 34 -3.22 6.26 -11.53
C MET A 34 -2.46 5.08 -10.91
N THR A 35 -1.31 5.38 -10.32
CA THR A 35 -0.56 4.40 -9.55
C THR A 35 -0.30 4.92 -8.14
N VAL A 36 -0.33 4.01 -7.19
CA VAL A 36 -0.05 4.29 -5.78
C VAL A 36 0.83 3.18 -5.20
N ASP A 37 1.50 3.49 -4.11
CA ASP A 37 2.27 2.51 -3.37
C ASP A 37 1.45 2.04 -2.19
N ILE A 38 1.34 0.73 -2.02
CA ILE A 38 0.54 0.15 -0.95
C ILE A 38 1.35 -0.88 -0.17
N LEU A 39 1.36 -0.72 1.13
CA LEU A 39 2.13 -1.56 2.01
C LEU A 39 1.19 -2.42 2.84
N CYS A 40 1.33 -3.73 2.75
CA CYS A 40 0.43 -4.69 3.42
C CYS A 40 0.44 -4.58 4.93
N ASN A 41 -0.71 -4.87 5.50
CA ASN A 41 -0.84 -5.03 6.94
C ASN A 41 -0.47 -6.46 7.33
N ASP A 42 -0.55 -7.38 6.36
CA ASP A 42 -0.30 -8.81 6.59
C ASP A 42 1.14 -9.23 6.29
N CYS A 43 1.63 -8.99 5.07
CA CYS A 43 2.95 -9.46 4.65
C CYS A 43 3.99 -8.37 4.83
N ASN A 44 3.52 -7.16 5.21
CA ASN A 44 4.33 -5.94 5.41
C ASN A 44 5.20 -5.58 4.18
N GLY A 45 4.68 -5.92 3.00
CA GLY A 45 5.38 -5.66 1.77
C GLY A 45 4.63 -4.66 0.92
N ARG A 46 5.38 -3.73 0.38
CA ARG A 46 4.82 -2.65 -0.42
C ARG A 46 5.03 -2.88 -1.91
N SER A 47 4.06 -2.43 -2.69
CA SER A 47 4.06 -2.59 -4.14
C SER A 47 3.48 -1.35 -4.80
N THR A 48 4.16 -0.81 -5.81
CA THR A 48 3.61 0.29 -6.59
C THR A 48 2.80 -0.27 -7.75
N VAL A 49 1.48 -0.11 -7.63
CA VAL A 49 0.53 -0.68 -8.57
C VAL A 49 -0.52 0.35 -8.95
N GLN A 50 -1.36 0.01 -9.92
CA GLN A 50 -2.50 0.85 -10.28
C GLN A 50 -3.58 0.73 -9.20
N PHE A 51 -4.33 1.81 -9.01
CA PHE A 51 -5.43 1.82 -8.05
C PHE A 51 -6.59 0.97 -8.57
N HIS A 52 -6.71 -0.21 -7.99
CA HIS A 52 -7.88 -1.03 -8.20
C HIS A 52 -8.91 -0.64 -7.15
N ILE A 53 -10.09 -0.28 -7.63
CA ILE A 53 -11.16 0.28 -6.80
C ILE A 53 -11.73 -0.79 -5.84
N LEU A 54 -11.74 -2.04 -6.31
CA LEU A 54 -12.24 -3.15 -5.51
C LEU A 54 -11.11 -3.83 -4.70
N GLY A 55 -9.98 -3.14 -4.55
CA GLY A 55 -8.89 -3.66 -3.76
C GLY A 55 -7.58 -3.65 -4.52
N MET A 56 -6.67 -2.77 -4.09
CA MET A 56 -5.37 -2.59 -4.73
C MET A 56 -4.46 -3.80 -4.54
N LYS A 57 -3.86 -4.25 -5.63
CA LYS A 57 -3.15 -5.52 -5.67
C LYS A 57 -1.70 -5.40 -5.20
N CYS A 58 -1.38 -6.04 -4.08
CA CYS A 58 0.01 -6.21 -3.67
C CYS A 58 0.63 -7.31 -4.51
N LYS A 59 1.66 -6.96 -5.27
CA LYS A 59 2.28 -7.86 -6.24
C LYS A 59 3.37 -8.75 -5.58
N ILE A 60 3.17 -9.04 -4.30
CA ILE A 60 4.05 -9.95 -3.57
C ILE A 60 3.22 -11.15 -3.06
N CYS A 61 1.99 -10.89 -2.58
CA CYS A 61 1.17 -11.95 -1.97
C CYS A 61 -0.24 -12.02 -2.55
N GLU A 62 -0.62 -11.04 -3.40
CA GLU A 62 -1.96 -10.93 -4.04
C GLU A 62 -3.08 -10.63 -3.02
N SER A 63 -2.73 -9.98 -1.92
CA SER A 63 -3.73 -9.50 -0.96
C SER A 63 -3.89 -7.99 -1.11
N TYR A 64 -5.10 -7.53 -0.93
CA TYR A 64 -5.40 -6.10 -1.03
C TYR A 64 -5.52 -5.46 0.36
N ASN A 65 -5.21 -6.23 1.40
CA ASN A 65 -5.17 -5.72 2.77
C ASN A 65 -3.89 -4.91 2.98
N THR A 66 -4.00 -3.62 2.69
CA THR A 66 -2.85 -2.74 2.63
C THR A 66 -3.16 -1.38 3.23
N ALA A 67 -2.16 -0.53 3.21
CA ALA A 67 -2.26 0.88 3.57
C ALA A 67 -1.40 1.67 2.60
N GLN A 68 -1.94 2.73 2.02
CA GLN A 68 -1.20 3.53 1.03
C GLN A 68 -0.02 4.24 1.69
N ALA A 69 1.17 3.92 1.20
CA ALA A 69 2.40 4.47 1.73
C ALA A 69 2.70 5.83 1.10
N GLY A 70 2.11 6.85 1.70
CA GLY A 70 2.20 8.20 1.19
C GLY A 70 1.27 9.10 1.96
N GLY A 71 1.81 10.18 2.51
CA GLY A 71 1.07 11.01 3.44
C GLY A 71 1.23 10.51 4.86
N ARG A 72 0.79 9.27 5.09
CA ARG A 72 1.12 8.54 6.29
C ARG A 72 2.13 7.44 5.93
N ARG A 73 3.40 7.73 6.15
CA ARG A 73 4.48 6.77 5.91
C ARG A 73 4.69 5.95 7.18
N ILE A 74 4.08 4.77 7.17
CA ILE A 74 4.15 3.87 8.32
C ILE A 74 4.78 2.54 7.95
N SER A 75 5.46 1.94 8.91
CA SER A 75 5.95 0.58 8.79
C SER A 75 4.82 -0.38 9.18
N LEU A 76 4.31 -0.18 10.39
CA LEU A 76 3.13 -0.84 10.88
C LEU A 76 2.18 0.22 11.42
N ASP A 77 0.93 -0.14 11.64
CA ASP A 77 -0.11 0.81 12.07
C ASP A 77 0.09 1.30 13.51
N GLN A 78 0.50 0.39 14.39
CA GLN A 78 0.63 0.70 15.82
C GLN A 78 2.04 1.20 16.18
N GLN A 79 2.90 1.33 15.18
CA GLN A 79 4.25 1.83 15.40
C GLN A 79 4.24 3.36 15.29
ZN ZN B . 1.19 -8.37 0.53
N ASN A 33 -4.50 4.80 -13.81
CA ASN A 33 -3.20 4.20 -13.64
C ASN A 33 -2.44 4.88 -12.50
N MET A 34 -3.19 5.60 -11.66
CA MET A 34 -2.69 6.28 -10.47
C MET A 34 -1.97 5.31 -9.52
N THR A 35 -0.67 5.46 -9.39
CA THR A 35 0.12 4.49 -8.66
C THR A 35 0.23 4.86 -7.18
N VAL A 36 -0.17 3.92 -6.34
CA VAL A 36 -0.08 4.03 -4.89
C VAL A 36 0.55 2.76 -4.31
N ASP A 37 1.42 2.94 -3.32
CA ASP A 37 2.02 1.82 -2.63
C ASP A 37 1.10 1.36 -1.49
N ILE A 38 0.76 0.10 -1.53
CA ILE A 38 -0.16 -0.48 -0.55
C ILE A 38 0.50 -1.63 0.20
N LEU A 39 0.36 -1.59 1.52
CA LEU A 39 1.08 -2.47 2.40
C LEU A 39 0.12 -3.51 2.94
N CYS A 40 0.44 -4.77 2.67
CA CYS A 40 -0.38 -5.91 3.05
C CYS A 40 -0.51 -6.08 4.53
N ASN A 41 -1.69 -6.51 4.91
CA ASN A 41 -1.97 -6.94 6.26
C ASN A 41 -1.60 -8.43 6.42
N ASP A 42 -1.37 -9.09 5.27
CA ASP A 42 -1.06 -10.51 5.24
C ASP A 42 0.44 -10.82 5.09
N CYS A 43 1.12 -10.26 4.07
CA CYS A 43 2.51 -10.64 3.79
C CYS A 43 3.51 -9.64 4.38
N ASN A 44 2.98 -8.55 4.98
CA ASN A 44 3.77 -7.46 5.54
C ASN A 44 4.76 -6.90 4.52
N GLY A 45 4.26 -6.05 3.64
CA GLY A 45 5.06 -5.50 2.57
C GLY A 45 4.22 -4.74 1.57
N ARG A 46 4.79 -3.67 1.03
CA ARG A 46 4.04 -2.77 0.16
C ARG A 46 4.41 -2.94 -1.31
N SER A 47 3.43 -2.68 -2.17
CA SER A 47 3.61 -2.75 -3.62
C SER A 47 2.99 -1.53 -4.27
N THR A 48 3.75 -0.85 -5.13
CA THR A 48 3.26 0.31 -5.84
C THR A 48 2.55 -0.15 -7.12
N VAL A 49 1.24 -0.01 -7.13
CA VAL A 49 0.39 -0.48 -8.22
C VAL A 49 -0.68 0.57 -8.53
N GLN A 50 -1.42 0.36 -9.61
CA GLN A 50 -2.48 1.29 -9.99
C GLN A 50 -3.68 1.16 -9.04
N PHE A 51 -4.39 2.28 -8.86
CA PHE A 51 -5.51 2.37 -7.93
C PHE A 51 -6.70 1.57 -8.44
N HIS A 52 -7.10 0.61 -7.64
CA HIS A 52 -8.13 -0.33 -8.02
C HIS A 52 -9.28 -0.28 -7.01
N ILE A 53 -10.48 -0.14 -7.54
CA ILE A 53 -11.72 -0.01 -6.75
C ILE A 53 -12.01 -1.31 -5.97
N LEU A 54 -11.62 -2.45 -6.54
CA LEU A 54 -11.81 -3.76 -5.89
C LEU A 54 -10.55 -4.17 -5.12
N GLY A 55 -9.75 -3.19 -4.71
CA GLY A 55 -8.55 -3.45 -3.93
C GLY A 55 -7.30 -3.51 -4.77
N MET A 56 -6.30 -2.72 -4.37
CA MET A 56 -5.01 -2.67 -5.08
C MET A 56 -4.23 -3.96 -4.86
N LYS A 57 -3.75 -4.55 -5.95
CA LYS A 57 -3.17 -5.88 -5.91
C LYS A 57 -1.66 -5.82 -5.74
N CYS A 58 -1.22 -6.23 -4.55
CA CYS A 58 0.18 -6.40 -4.21
C CYS A 58 0.84 -7.46 -5.08
N LYS A 59 1.96 -7.13 -5.72
CA LYS A 59 2.62 -8.02 -6.69
C LYS A 59 3.53 -9.05 -6.00
N ILE A 60 3.64 -8.95 -4.67
CA ILE A 60 4.44 -9.87 -3.87
C ILE A 60 3.68 -11.18 -3.64
N CYS A 61 2.36 -11.09 -3.44
CA CYS A 61 1.58 -12.26 -3.03
C CYS A 61 0.21 -12.34 -3.71
N GLU A 62 -0.14 -11.30 -4.50
CA GLU A 62 -1.39 -11.22 -5.31
C GLU A 62 -2.65 -11.05 -4.45
N SER A 63 -2.45 -10.59 -3.22
CA SER A 63 -3.54 -10.31 -2.32
C SER A 63 -3.78 -8.81 -2.26
N TYR A 64 -5.05 -8.44 -2.31
CA TYR A 64 -5.45 -7.04 -2.24
C TYR A 64 -5.85 -6.64 -0.81
N ASN A 65 -5.65 -7.57 0.14
CA ASN A 65 -5.82 -7.28 1.57
C ASN A 65 -4.68 -6.38 2.04
N THR A 66 -4.89 -5.09 1.89
CA THR A 66 -3.86 -4.10 2.06
C THR A 66 -4.44 -2.86 2.71
N ALA A 67 -3.55 -2.03 3.16
CA ALA A 67 -3.85 -0.71 3.62
C ALA A 67 -2.95 0.25 2.89
N GLN A 68 -3.42 1.44 2.57
CA GLN A 68 -2.62 2.39 1.82
C GLN A 68 -1.47 2.91 2.67
N ALA A 69 -0.25 2.62 2.24
CA ALA A 69 0.93 2.99 2.98
C ALA A 69 1.32 4.43 2.72
N GLY A 70 1.74 5.10 3.77
CA GLY A 70 2.20 6.45 3.65
C GLY A 70 3.45 6.67 4.45
N GLY A 71 4.56 6.92 3.76
CA GLY A 71 5.82 7.24 4.43
C GLY A 71 5.91 8.72 4.77
N ARG A 72 5.06 9.13 5.71
CA ARG A 72 4.92 10.53 6.06
C ARG A 72 5.96 10.93 7.10
N ARG A 73 6.81 11.87 6.72
CA ARG A 73 7.86 12.37 7.60
C ARG A 73 7.29 13.52 8.43
N ILE A 74 7.01 13.23 9.69
CA ILE A 74 6.46 14.22 10.60
C ILE A 74 7.60 14.91 11.35
N SER A 75 7.64 16.23 11.26
CA SER A 75 8.68 17.03 11.90
C SER A 75 8.38 17.24 13.38
N LEU A 76 9.23 16.68 14.23
CA LEU A 76 9.10 16.84 15.68
C LEU A 76 10.12 17.87 16.16
N ASP A 77 9.66 19.10 16.31
CA ASP A 77 10.50 20.19 16.79
C ASP A 77 10.42 20.30 18.31
N GLN A 78 9.18 20.19 18.83
CA GLN A 78 8.84 20.36 20.26
C GLN A 78 9.24 21.77 20.73
N GLN A 79 8.87 22.76 19.93
CA GLN A 79 9.15 24.16 20.24
C GLN A 79 7.88 24.83 20.73
ZN ZN B . 1.15 -8.95 -0.25
N ASN A 33 -3.58 5.25 -15.05
CA ASN A 33 -4.45 6.32 -14.58
C ASN A 33 -3.87 6.94 -13.30
N MET A 34 -3.73 6.12 -12.26
CA MET A 34 -3.10 6.56 -11.02
C MET A 34 -2.46 5.37 -10.31
N THR A 35 -1.17 5.48 -10.04
CA THR A 35 -0.46 4.42 -9.33
C THR A 35 -0.22 4.83 -7.87
N VAL A 36 -0.61 3.94 -6.97
CA VAL A 36 -0.35 4.10 -5.55
C VAL A 36 0.43 2.90 -5.03
N ASP A 37 1.38 3.14 -4.14
CA ASP A 37 2.14 2.07 -3.52
C ASP A 37 1.40 1.59 -2.29
N ILE A 38 1.11 0.30 -2.25
CA ILE A 38 0.35 -0.29 -1.16
C ILE A 38 1.19 -1.31 -0.38
N LEU A 39 1.20 -1.14 0.92
CA LEU A 39 1.96 -2.01 1.80
C LEU A 39 0.99 -2.85 2.62
N CYS A 40 1.15 -4.18 2.55
CA CYS A 40 0.25 -5.12 3.22
C CYS A 40 0.36 -5.08 4.73
N ASN A 41 -0.77 -5.35 5.35
CA ASN A 41 -0.83 -5.59 6.79
C ASN A 41 -0.36 -7.04 7.10
N ASP A 42 -0.51 -7.92 6.09
CA ASP A 42 -0.24 -9.35 6.25
C ASP A 42 1.20 -9.73 5.89
N CYS A 43 1.64 -9.44 4.65
CA CYS A 43 2.96 -9.88 4.19
C CYS A 43 4.03 -8.82 4.47
N ASN A 44 3.58 -7.61 4.88
CA ASN A 44 4.45 -6.44 5.13
C ASN A 44 5.31 -6.11 3.91
N GLY A 45 4.67 -6.18 2.75
CA GLY A 45 5.35 -5.95 1.50
C GLY A 45 4.60 -4.95 0.65
N ARG A 46 5.36 -4.07 0.04
CA ARG A 46 4.82 -2.96 -0.73
C ARG A 46 4.85 -3.25 -2.23
N SER A 47 3.89 -2.69 -2.95
CA SER A 47 3.80 -2.86 -4.40
C SER A 47 3.20 -1.61 -5.04
N THR A 48 3.91 -1.00 -5.98
CA THR A 48 3.38 0.15 -6.70
C THR A 48 2.45 -0.34 -7.80
N VAL A 49 1.17 -0.15 -7.60
CA VAL A 49 0.14 -0.71 -8.48
C VAL A 49 -0.85 0.37 -8.87
N GLN A 50 -1.72 0.05 -9.80
CA GLN A 50 -2.77 0.98 -10.19
C GLN A 50 -3.95 0.86 -9.23
N PHE A 51 -4.63 1.99 -9.01
CA PHE A 51 -5.80 2.05 -8.16
C PHE A 51 -6.96 1.30 -8.81
N HIS A 52 -7.25 0.13 -8.26
CA HIS A 52 -8.26 -0.75 -8.80
C HIS A 52 -9.47 -0.75 -7.87
N ILE A 53 -10.65 -0.51 -8.44
CA ILE A 53 -11.91 -0.39 -7.70
C ILE A 53 -12.29 -1.72 -7.04
N LEU A 54 -11.97 -2.83 -7.72
CA LEU A 54 -12.28 -4.16 -7.22
C LEU A 54 -11.10 -4.75 -6.42
N GLY A 55 -10.36 -3.88 -5.73
CA GLY A 55 -9.26 -4.32 -4.88
C GLY A 55 -7.91 -4.09 -5.51
N MET A 56 -7.01 -3.45 -4.77
CA MET A 56 -5.65 -3.20 -5.23
C MET A 56 -4.75 -4.40 -4.93
N LYS A 57 -4.16 -4.95 -5.99
CA LYS A 57 -3.43 -6.21 -5.90
C LYS A 57 -1.95 -6.01 -5.62
N CYS A 58 -1.52 -6.35 -4.41
CA CYS A 58 -0.11 -6.45 -4.07
C CYS A 58 0.55 -7.56 -4.89
N LYS A 59 1.70 -7.28 -5.48
CA LYS A 59 2.32 -8.18 -6.45
C LYS A 59 3.12 -9.30 -5.78
N ILE A 60 3.30 -9.18 -4.46
CA ILE A 60 4.11 -10.14 -3.71
C ILE A 60 3.25 -11.30 -3.18
N CYS A 61 1.96 -11.06 -2.89
CA CYS A 61 1.10 -12.11 -2.30
C CYS A 61 -0.35 -12.04 -2.80
N GLU A 62 -0.68 -11.01 -3.61
CA GLU A 62 -2.03 -10.75 -4.17
C GLU A 62 -3.11 -10.43 -3.12
N SER A 63 -2.71 -10.00 -1.92
CA SER A 63 -3.67 -9.65 -0.88
C SER A 63 -4.11 -8.20 -0.99
N TYR A 64 -5.37 -7.98 -0.67
CA TYR A 64 -6.01 -6.66 -0.76
C TYR A 64 -6.10 -6.03 0.63
N ASN A 65 -5.65 -6.77 1.64
CA ASN A 65 -5.50 -6.25 3.01
C ASN A 65 -4.23 -5.41 3.08
N THR A 66 -4.36 -4.15 2.74
CA THR A 66 -3.23 -3.26 2.57
C THR A 66 -3.52 -1.90 3.17
N ALA A 67 -2.50 -1.06 3.14
CA ALA A 67 -2.60 0.35 3.47
C ALA A 67 -1.79 1.13 2.46
N GLN A 68 -2.00 2.44 2.37
CA GLN A 68 -1.20 3.27 1.49
C GLN A 68 0.16 3.54 2.13
N ALA A 69 1.20 3.60 1.30
CA ALA A 69 2.57 3.68 1.79
C ALA A 69 2.94 5.06 2.32
N GLY A 70 4.06 5.11 3.01
CA GLY A 70 4.42 6.27 3.80
C GLY A 70 4.16 6.00 5.25
N GLY A 71 2.90 5.66 5.55
CA GLY A 71 2.49 5.26 6.89
C GLY A 71 2.44 6.43 7.85
N ARG A 72 3.49 6.55 8.65
CA ARG A 72 3.63 7.66 9.57
C ARG A 72 4.44 8.76 8.89
N ARG A 73 3.86 9.95 8.83
CA ARG A 73 4.58 11.11 8.32
C ARG A 73 5.47 11.66 9.43
N ILE A 74 6.74 11.28 9.36
CA ILE A 74 7.73 11.68 10.35
C ILE A 74 8.46 12.93 9.86
N SER A 75 8.85 13.81 10.80
CA SER A 75 9.68 14.97 10.49
C SER A 75 11.09 14.50 10.08
N LEU A 76 11.30 14.41 8.77
CA LEU A 76 12.49 13.83 8.21
C LEU A 76 12.71 14.37 6.80
N ASP A 77 13.83 15.06 6.62
CA ASP A 77 14.25 15.51 5.30
C ASP A 77 15.14 14.44 4.68
N GLN A 78 14.52 13.59 3.88
CA GLN A 78 15.23 12.51 3.21
C GLN A 78 14.58 12.22 1.86
N GLN A 79 15.31 12.53 0.80
CA GLN A 79 14.85 12.29 -0.56
C GLN A 79 15.26 10.88 -1.02
ZN ZN B . 1.14 -8.58 0.15
N ASN A 33 2.94 8.24 -11.96
CA ASN A 33 1.51 8.50 -11.85
C ASN A 33 1.08 8.34 -10.39
N MET A 34 -0.23 8.44 -10.11
CA MET A 34 -0.74 8.31 -8.74
C MET A 34 -0.54 6.87 -8.26
N THR A 35 0.46 6.70 -7.40
CA THR A 35 0.84 5.39 -6.90
C THR A 35 1.15 5.47 -5.40
N VAL A 36 0.53 4.60 -4.64
CA VAL A 36 0.78 4.49 -3.21
C VAL A 36 1.30 3.09 -2.87
N ASP A 37 2.21 3.03 -1.91
CA ASP A 37 2.70 1.76 -1.41
C ASP A 37 1.68 1.18 -0.44
N ILE A 38 1.32 -0.06 -0.69
CA ILE A 38 0.25 -0.71 0.05
C ILE A 38 0.71 -2.00 0.69
N LEU A 39 0.39 -2.14 1.96
CA LEU A 39 0.98 -3.16 2.81
C LEU A 39 -0.04 -4.25 3.10
N CYS A 40 0.31 -5.47 2.67
CA CYS A 40 -0.53 -6.65 2.91
C CYS A 40 -0.72 -6.95 4.37
N ASN A 41 -1.93 -7.38 4.70
CA ASN A 41 -2.22 -7.93 6.01
C ASN A 41 -1.89 -9.44 6.06
N ASP A 42 -1.72 -10.03 4.87
CA ASP A 42 -1.46 -11.45 4.73
C ASP A 42 0.05 -11.77 4.63
N CYS A 43 0.76 -11.15 3.67
CA CYS A 43 2.18 -11.48 3.45
C CYS A 43 3.11 -10.43 4.06
N ASN A 44 2.52 -9.36 4.64
CA ASN A 44 3.26 -8.22 5.23
C ASN A 44 4.24 -7.57 4.24
N GLY A 45 3.75 -7.32 3.03
CA GLY A 45 4.59 -6.76 1.98
C GLY A 45 3.94 -5.62 1.25
N ARG A 46 4.70 -4.55 1.05
CA ARG A 46 4.20 -3.36 0.37
C ARG A 46 4.55 -3.36 -1.11
N SER A 47 3.65 -2.83 -1.91
CA SER A 47 3.85 -2.70 -3.35
C SER A 47 3.40 -1.32 -3.81
N THR A 48 4.18 -0.66 -4.65
CA THR A 48 3.76 0.65 -5.13
C THR A 48 2.96 0.49 -6.43
N VAL A 49 1.65 0.71 -6.30
CA VAL A 49 0.68 0.60 -7.39
C VAL A 49 -0.34 1.72 -7.24
N GLN A 50 -1.24 1.87 -8.20
CA GLN A 50 -2.28 2.91 -8.11
C GLN A 50 -3.33 2.52 -7.05
N PHE A 51 -4.00 3.52 -6.51
CA PHE A 51 -5.04 3.29 -5.50
C PHE A 51 -6.31 2.74 -6.15
N HIS A 52 -6.41 1.43 -6.15
CA HIS A 52 -7.58 0.74 -6.61
C HIS A 52 -8.50 0.50 -5.42
N ILE A 53 -9.65 1.15 -5.43
CA ILE A 53 -10.53 1.25 -4.26
C ILE A 53 -11.09 -0.13 -3.83
N LEU A 54 -11.18 -1.07 -4.79
CA LEU A 54 -11.67 -2.42 -4.51
C LEU A 54 -10.53 -3.37 -4.05
N GLY A 55 -9.40 -2.80 -3.65
CA GLY A 55 -8.26 -3.60 -3.21
C GLY A 55 -7.07 -3.42 -4.13
N MET A 56 -5.98 -2.91 -3.56
CA MET A 56 -4.78 -2.62 -4.33
C MET A 56 -3.96 -3.89 -4.57
N LYS A 57 -3.26 -3.93 -5.71
CA LYS A 57 -2.49 -5.10 -6.09
C LYS A 57 -1.12 -5.12 -5.41
N CYS A 58 -0.94 -6.05 -4.51
CA CYS A 58 0.39 -6.40 -4.03
C CYS A 58 1.02 -7.34 -5.02
N LYS A 59 2.13 -6.92 -5.61
CA LYS A 59 2.76 -7.67 -6.71
C LYS A 59 3.64 -8.81 -6.18
N ILE A 60 3.80 -8.87 -4.86
CA ILE A 60 4.63 -9.90 -4.21
C ILE A 60 3.87 -11.22 -4.10
N CYS A 61 2.55 -11.16 -3.91
CA CYS A 61 1.75 -12.37 -3.73
C CYS A 61 0.44 -12.36 -4.53
N GLU A 62 0.11 -11.19 -5.11
CA GLU A 62 -1.10 -10.97 -5.96
C GLU A 62 -2.40 -11.03 -5.16
N SER A 63 -2.31 -10.64 -3.89
CA SER A 63 -3.47 -10.49 -3.03
C SER A 63 -3.87 -9.03 -2.96
N TYR A 64 -5.18 -8.81 -2.88
CA TYR A 64 -5.74 -7.46 -2.82
C TYR A 64 -6.19 -7.13 -1.39
N ASN A 65 -5.88 -8.03 -0.46
CA ASN A 65 -6.08 -7.84 0.97
C ASN A 65 -4.94 -6.98 1.53
N THR A 66 -5.08 -5.68 1.35
CA THR A 66 -4.02 -4.73 1.63
C THR A 66 -4.55 -3.50 2.34
N ALA A 67 -3.71 -2.90 3.14
CA ALA A 67 -3.98 -1.62 3.76
C ALA A 67 -3.12 -0.58 3.09
N GLN A 68 -3.55 0.67 3.09
CA GLN A 68 -2.75 1.74 2.50
C GLN A 68 -1.69 2.20 3.49
N ALA A 69 -0.42 2.08 3.11
CA ALA A 69 0.68 2.39 4.01
C ALA A 69 1.04 3.88 3.94
N GLY A 70 1.64 4.31 2.83
CA GLY A 70 2.04 5.70 2.69
C GLY A 70 3.41 5.95 3.31
N GLY A 71 4.45 5.74 2.51
CA GLY A 71 5.83 5.83 2.98
C GLY A 71 6.24 7.22 3.46
N ARG A 72 5.95 8.23 2.64
CA ARG A 72 6.31 9.61 2.99
C ARG A 72 5.07 10.49 3.12
N ARG A 73 4.97 11.16 4.25
CA ARG A 73 3.89 12.10 4.49
C ARG A 73 4.45 13.53 4.46
N ILE A 74 3.96 14.31 3.50
CA ILE A 74 4.38 15.70 3.35
C ILE A 74 3.23 16.66 3.70
N SER A 75 3.24 17.12 4.94
CA SER A 75 2.25 18.11 5.40
C SER A 75 2.86 19.50 5.30
N LEU A 76 2.20 20.38 4.53
CA LEU A 76 2.77 21.68 4.20
C LEU A 76 1.85 22.82 4.67
N ASP A 77 2.31 23.53 5.69
CA ASP A 77 1.68 24.77 6.14
C ASP A 77 2.68 25.92 5.99
N GLN A 78 2.29 26.93 5.21
CA GLN A 78 3.23 27.96 4.78
C GLN A 78 3.01 29.27 5.53
N GLN A 79 3.81 29.49 6.58
CA GLN A 79 3.81 30.77 7.30
C GLN A 79 5.18 31.43 7.16
ZN ZN B . 1.08 -9.53 -0.50
N ASN A 33 -3.65 4.01 -16.07
CA ASN A 33 -4.10 4.39 -14.72
C ASN A 33 -2.90 4.73 -13.82
N MET A 34 -3.17 5.49 -12.77
CA MET A 34 -2.14 5.95 -11.84
C MET A 34 -1.51 4.78 -11.08
N THR A 35 -0.19 4.63 -11.23
CA THR A 35 0.50 3.52 -10.62
C THR A 35 0.97 3.86 -9.20
N VAL A 36 0.51 3.05 -8.25
CA VAL A 36 0.78 3.27 -6.84
C VAL A 36 1.31 1.98 -6.21
N ASP A 37 2.30 2.12 -5.34
CA ASP A 37 2.86 1.00 -4.62
C ASP A 37 2.19 0.84 -3.26
N ILE A 38 1.59 -0.33 -3.06
CA ILE A 38 0.85 -0.60 -1.84
C ILE A 38 1.53 -1.66 -1.01
N LEU A 39 1.73 -1.32 0.25
CA LEU A 39 2.56 -2.09 1.15
C LEU A 39 1.67 -2.81 2.14
N CYS A 40 1.87 -4.12 2.24
CA CYS A 40 1.03 -4.98 3.08
C CYS A 40 1.19 -4.72 4.55
N ASN A 41 0.10 -4.94 5.25
CA ASN A 41 0.10 -4.96 6.69
C ASN A 41 0.43 -6.40 7.18
N ASP A 42 0.38 -7.36 6.24
CA ASP A 42 0.62 -8.77 6.53
C ASP A 42 2.04 -9.24 6.14
N CYS A 43 2.44 -9.07 4.87
CA CYS A 43 3.76 -9.53 4.40
C CYS A 43 4.77 -8.39 4.40
N ASN A 44 4.29 -7.17 4.73
CA ASN A 44 5.08 -5.93 4.82
C ASN A 44 5.89 -5.62 3.54
N GLY A 45 5.33 -5.99 2.40
CA GLY A 45 5.96 -5.76 1.11
C GLY A 45 5.03 -5.03 0.17
N ARG A 46 5.61 -4.19 -0.67
CA ARG A 46 4.83 -3.30 -1.52
C ARG A 46 4.81 -3.79 -2.97
N SER A 47 3.73 -3.45 -3.67
CA SER A 47 3.55 -3.83 -5.07
C SER A 47 2.98 -2.66 -5.85
N THR A 48 3.65 -2.30 -6.93
CA THR A 48 3.22 -1.19 -7.77
C THR A 48 2.22 -1.68 -8.81
N VAL A 49 0.99 -1.26 -8.62
CA VAL A 49 -0.15 -1.65 -9.45
C VAL A 49 -0.90 -0.41 -9.92
N GLN A 50 -1.88 -0.60 -10.80
CA GLN A 50 -2.78 0.50 -11.19
C GLN A 50 -3.76 0.77 -10.05
N PHE A 51 -4.29 2.00 -9.99
CA PHE A 51 -5.19 2.40 -8.92
C PHE A 51 -6.59 1.82 -9.16
N HIS A 52 -7.02 1.02 -8.20
CA HIS A 52 -8.35 0.41 -8.22
C HIS A 52 -9.15 0.99 -7.06
N ILE A 53 -10.33 1.52 -7.36
CA ILE A 53 -11.16 2.23 -6.36
C ILE A 53 -11.64 1.27 -5.25
N LEU A 54 -11.91 0.01 -5.61
CA LEU A 54 -12.37 -0.99 -4.66
C LEU A 54 -11.21 -1.86 -4.12
N GLY A 55 -9.99 -1.31 -4.08
CA GLY A 55 -8.87 -2.01 -3.47
C GLY A 55 -7.87 -2.55 -4.47
N MET A 56 -6.58 -2.35 -4.19
CA MET A 56 -5.51 -2.79 -5.07
C MET A 56 -4.95 -4.16 -4.64
N LYS A 57 -4.06 -4.73 -5.46
CA LYS A 57 -3.52 -6.07 -5.21
C LYS A 57 -2.00 -6.05 -4.98
N CYS A 58 -1.57 -6.73 -3.92
CA CYS A 58 -0.16 -7.07 -3.71
C CYS A 58 0.17 -8.32 -4.52
N LYS A 59 1.15 -8.22 -5.41
CA LYS A 59 1.51 -9.32 -6.32
C LYS A 59 2.31 -10.42 -5.60
N ILE A 60 2.84 -10.09 -4.42
CA ILE A 60 3.73 -10.96 -3.67
C ILE A 60 2.93 -12.05 -2.91
N CYS A 61 1.74 -11.69 -2.41
CA CYS A 61 0.97 -12.64 -1.59
C CYS A 61 -0.53 -12.58 -1.89
N GLU A 62 -0.92 -11.77 -2.91
CA GLU A 62 -2.32 -11.68 -3.42
C GLU A 62 -3.30 -11.09 -2.39
N SER A 63 -2.80 -10.21 -1.53
CA SER A 63 -3.60 -9.64 -0.45
C SER A 63 -3.99 -8.19 -0.74
N TYR A 64 -5.20 -7.82 -0.33
CA TYR A 64 -5.68 -6.45 -0.43
C TYR A 64 -5.48 -5.69 0.89
N ASN A 65 -5.02 -6.42 1.92
CA ASN A 65 -4.70 -5.85 3.24
C ASN A 65 -3.39 -5.05 3.14
N THR A 66 -3.52 -3.82 2.68
CA THR A 66 -2.40 -2.96 2.35
C THR A 66 -2.71 -1.51 2.69
N ALA A 67 -1.65 -0.74 2.78
CA ALA A 67 -1.73 0.70 2.92
C ALA A 67 -0.86 1.32 1.84
N GLN A 68 -1.17 2.54 1.41
CA GLN A 68 -0.36 3.21 0.39
C GLN A 68 0.99 3.61 0.98
N ALA A 69 2.06 3.12 0.35
CA ALA A 69 3.41 3.33 0.86
C ALA A 69 3.88 4.74 0.53
N GLY A 70 4.13 5.51 1.58
CA GLY A 70 4.59 6.87 1.45
C GLY A 70 4.89 7.48 2.78
N GLY A 71 3.93 7.38 3.70
CA GLY A 71 4.13 7.87 5.04
C GLY A 71 2.89 7.76 5.90
N ARG A 72 3.06 7.25 7.11
CA ARG A 72 1.98 7.18 8.08
C ARG A 72 2.05 8.42 8.95
N ARG A 73 1.09 9.32 8.77
CA ARG A 73 1.06 10.56 9.54
C ARG A 73 0.45 10.32 10.93
N ILE A 74 1.34 10.21 11.90
CA ILE A 74 0.97 10.02 13.28
C ILE A 74 1.65 11.10 14.12
N SER A 75 0.85 12.04 14.62
CA SER A 75 1.34 13.13 15.44
C SER A 75 1.63 12.66 16.86
N LEU A 76 2.90 12.44 17.15
CA LEU A 76 3.33 11.93 18.44
C LEU A 76 3.95 13.07 19.24
N ASP A 77 3.71 13.05 20.55
CA ASP A 77 4.25 14.06 21.47
C ASP A 77 5.66 13.72 21.93
N GLN A 78 6.61 13.78 20.99
CA GLN A 78 8.03 13.57 21.26
C GLN A 78 8.85 14.66 20.61
N GLN A 79 9.71 15.29 21.38
CA GLN A 79 10.52 16.41 20.94
C GLN A 79 11.89 16.35 21.64
ZN ZN B . 1.54 -8.88 0.47
N ASN A 33 -1.20 7.11 -13.10
CA ASN A 33 -1.72 8.11 -12.19
C ASN A 33 -0.73 8.19 -11.02
N MET A 34 -1.17 8.74 -9.89
CA MET A 34 -0.37 8.73 -8.68
C MET A 34 -0.17 7.29 -8.20
N THR A 35 1.08 6.87 -8.13
CA THR A 35 1.42 5.54 -7.66
C THR A 35 1.69 5.58 -6.16
N VAL A 36 1.12 4.63 -5.46
CA VAL A 36 1.28 4.50 -4.03
C VAL A 36 1.93 3.16 -3.69
N ASP A 37 2.62 3.10 -2.58
CA ASP A 37 3.27 1.88 -2.15
C ASP A 37 2.53 1.30 -0.96
N ILE A 38 2.08 0.06 -1.08
CA ILE A 38 1.37 -0.62 0.01
C ILE A 38 2.14 -1.84 0.51
N LEU A 39 2.26 -1.97 1.82
CA LEU A 39 3.03 -3.07 2.40
C LEU A 39 2.08 -4.03 3.10
N CYS A 40 2.19 -5.31 2.77
CA CYS A 40 1.33 -6.35 3.36
C CYS A 40 1.56 -6.56 4.84
N ASN A 41 0.48 -6.87 5.53
CA ASN A 41 0.53 -7.32 6.90
C ASN A 41 0.50 -8.86 6.96
N ASP A 42 0.77 -9.50 5.82
CA ASP A 42 0.79 -10.95 5.71
C ASP A 42 2.10 -11.49 5.11
N CYS A 43 2.49 -11.00 3.93
CA CYS A 43 3.67 -11.55 3.25
C CYS A 43 4.92 -10.72 3.49
N ASN A 44 4.77 -9.60 4.24
CA ASN A 44 5.84 -8.62 4.54
C ASN A 44 6.46 -8.04 3.26
N GLY A 45 5.65 -7.95 2.20
CA GLY A 45 6.11 -7.48 0.93
C GLY A 45 5.29 -6.32 0.43
N ARG A 46 5.96 -5.33 -0.13
CA ARG A 46 5.32 -4.11 -0.60
C ARG A 46 5.13 -4.13 -2.11
N SER A 47 4.10 -3.43 -2.56
CA SER A 47 3.78 -3.32 -3.98
C SER A 47 3.46 -1.87 -4.31
N THR A 48 4.23 -1.27 -5.19
CA THR A 48 3.91 0.04 -5.72
C THR A 48 2.94 -0.15 -6.87
N VAL A 49 1.70 0.24 -6.62
CA VAL A 49 0.61 0.08 -7.56
C VAL A 49 0.02 1.44 -7.87
N GLN A 50 -0.89 1.49 -8.84
CA GLN A 50 -1.62 2.71 -9.13
C GLN A 50 -2.71 2.88 -8.06
N PHE A 51 -2.96 4.13 -7.67
CA PHE A 51 -3.98 4.43 -6.66
C PHE A 51 -5.36 4.14 -7.22
N HIS A 52 -6.01 3.17 -6.60
CA HIS A 52 -7.25 2.63 -7.10
C HIS A 52 -8.24 2.54 -5.94
N ILE A 53 -9.34 3.28 -6.06
CA ILE A 53 -10.39 3.34 -5.04
C ILE A 53 -11.03 1.97 -4.83
N LEU A 54 -11.25 1.25 -5.94
CA LEU A 54 -11.89 -0.06 -5.92
C LEU A 54 -10.87 -1.21 -5.78
N GLY A 55 -9.82 -1.00 -4.99
CA GLY A 55 -8.95 -2.10 -4.60
C GLY A 55 -7.54 -1.97 -5.11
N MET A 56 -6.61 -1.79 -4.17
CA MET A 56 -5.18 -1.86 -4.46
C MET A 56 -4.63 -3.13 -3.86
N LYS A 57 -4.21 -4.03 -4.72
CA LYS A 57 -3.85 -5.37 -4.32
C LYS A 57 -2.39 -5.66 -4.60
N CYS A 58 -1.72 -6.18 -3.57
CA CYS A 58 -0.32 -6.62 -3.65
C CYS A 58 -0.19 -7.78 -4.63
N LYS A 59 0.65 -7.62 -5.65
CA LYS A 59 0.76 -8.59 -6.74
C LYS A 59 1.74 -9.73 -6.44
N ILE A 60 2.31 -9.69 -5.23
CA ILE A 60 3.22 -10.72 -4.77
C ILE A 60 2.43 -11.93 -4.24
N CYS A 61 1.29 -11.67 -3.61
CA CYS A 61 0.52 -12.74 -2.96
C CYS A 61 -0.98 -12.63 -3.19
N GLU A 62 -1.43 -11.50 -3.78
CA GLU A 62 -2.84 -11.23 -4.14
C GLU A 62 -3.72 -11.02 -2.91
N SER A 63 -3.13 -10.49 -1.85
CA SER A 63 -3.87 -10.13 -0.65
C SER A 63 -4.13 -8.64 -0.63
N TYR A 64 -5.29 -8.27 -0.11
CA TYR A 64 -5.69 -6.89 0.03
C TYR A 64 -5.28 -6.33 1.39
N ASN A 65 -4.92 -7.22 2.33
CA ASN A 65 -4.54 -6.84 3.69
C ASN A 65 -3.18 -6.14 3.72
N THR A 66 -3.23 -4.83 3.55
CA THR A 66 -2.04 -4.01 3.39
C THR A 66 -2.18 -2.69 4.14
N ALA A 67 -1.04 -2.13 4.44
CA ALA A 67 -0.92 -0.84 5.06
C ALA A 67 -0.07 0.04 4.14
N GLN A 68 -0.63 1.15 3.66
CA GLN A 68 0.04 2.02 2.68
C GLN A 68 1.30 2.65 3.27
N ALA A 69 2.45 2.10 2.88
CA ALA A 69 3.73 2.39 3.48
C ALA A 69 4.39 3.60 2.84
N GLY A 70 5.17 4.33 3.64
CA GLY A 70 5.90 5.48 3.16
C GLY A 70 5.00 6.68 2.95
N GLY A 71 4.61 6.90 1.70
CA GLY A 71 3.72 7.97 1.37
C GLY A 71 2.27 7.53 1.42
N ARG A 72 1.72 7.53 2.62
CA ARG A 72 0.30 7.23 2.81
C ARG A 72 -0.53 8.46 2.44
N ARG A 73 -1.46 8.25 1.53
CA ARG A 73 -2.26 9.32 0.98
C ARG A 73 -3.47 9.59 1.85
N ILE A 74 -3.41 10.70 2.54
CA ILE A 74 -4.51 11.19 3.33
C ILE A 74 -5.34 12.14 2.46
N SER A 75 -6.37 11.57 1.84
CA SER A 75 -7.34 12.34 1.08
C SER A 75 -8.59 12.51 1.94
N LEU A 76 -9.16 11.38 2.33
CA LEU A 76 -10.32 11.37 3.20
C LEU A 76 -10.01 10.61 4.49
N ASP A 77 -9.75 11.37 5.53
CA ASP A 77 -9.47 10.83 6.87
C ASP A 77 -9.84 11.89 7.91
N GLN A 78 -10.63 12.86 7.47
CA GLN A 78 -10.91 14.04 8.27
C GLN A 78 -12.38 14.05 8.68
N GLN A 79 -12.75 15.00 9.53
CA GLN A 79 -14.14 15.13 9.98
C GLN A 79 -14.94 15.93 8.96
ZN ZN B . 1.40 -9.50 -0.20
#